data_8B71
#
_entry.id   8B71
#
_cell.length_a   1.00
_cell.length_b   1.00
_cell.length_c   1.00
_cell.angle_alpha   90.00
_cell.angle_beta   90.00
_cell.angle_gamma   90.00
#
_symmetry.space_group_name_H-M   'P 1'
#
loop_
_entity.id
_entity.type
_entity.pdbx_description
1 polymer 'Potassium transporter KimA'
2 non-polymer "(2R,3R,3aS,5R,7aR,9R,10R,10aS,12R,14aR)-2,9-bis(6-amino-9H-purin-9-yl)octahydro-2H,7H-difuro[3,2-d:3',2'-j][1,3,7,9,2,8 ]tetraoxadiphosphacyclododecine-3,5,10,12-tetrol 5,12-dioxide"
#
_entity_poly.entity_id   1
_entity_poly.type   'polypeptide(L)'
_entity_poly.pdbx_seq_one_letter_code
;MYHSIKRFLIGKPLKSQAAGEQKLTKLKALAMLSSDALSSVAYGTEQILIILATISAAAFWYSIPIAVGVLILLLALILS
YRQIIYAYPQGGGAYIVSKENLGEKPGLIAGGSLLVDYILTVAVSISAGTDAITSAFPALHDYHVPIAIFLVLVIMILNL
RGLSESASILAYPVYLFVVALLVLIAVGLFKLMTGQIDQPAHHTSLGTPVAGITLFLLLKAFSSGCSALTGVEAISNAIP
AFKNPPARNAARTLAMMGILLAILFSGITVLAYGYGTAPKPDETVVSQIASETFGRNVFYYVIQGVTSLILVLAANTGFS
AFPQLAFNLARDQYMPRMFTVRGDRLGFSNGIIFLGFASIVLIILFGGQTEHLIPLYAVGVFIPFTLSQTGMCMKWIKQK
PKGWIGKMLINSCGALISFMVLSILFVTKFNVVWPVLIFMPIVVLLFFAIKNHYTAVGEQLRIVDKEPEEIKGTVVIVPV
AGVTTVVQKSIHYAKSLSDQVIAVHVSFDREQEKKFEKRWEELNNGVRLVTLHSSYRSLVHPFDKFLETVEAKAKKEQFS
VMVLFPQFITKKRWHTILHNQSAFLLRVRLFWKKDIMVATLPYHFKK
;
_entity_poly.pdbx_strand_id   A,B
#
loop_
_chem_comp.id
_chem_comp.type
_chem_comp.name
_chem_comp.formula
2BA non-polymer '(2R,3R,3aS,5R,7aR,9R,10R,10aS,12R,14aR)-2,9-bis(6-amino-9H-purin-9-yl)octahydro-2H,7H-difuro[3,2-d:3',2'-j][1,3,7,9,2,8 ]tetraoxadiphosphacyclododecine-3,5,10,12-tetrol 5,12-dioxide' 'C20 H24 N10 O12 P2'
#
# COMPACT_ATOMS: atom_id res chain seq x y z
N LEU A 30 -3.16 -1.40 37.08
CA LEU A 30 -3.88 -0.29 36.48
C LEU A 30 -3.06 0.37 35.38
N ALA A 31 -1.74 0.20 35.46
CA ALA A 31 -0.83 0.96 34.61
C ALA A 31 -1.15 0.76 33.13
N MET A 32 -1.26 -0.50 32.70
CA MET A 32 -1.48 -0.81 31.30
C MET A 32 -2.78 -0.19 30.78
N LEU A 33 -3.73 0.11 31.65
CA LEU A 33 -4.97 0.77 31.26
C LEU A 33 -5.02 2.24 31.64
N SER A 34 -4.29 2.65 32.68
CA SER A 34 -4.29 4.03 33.12
C SER A 34 -3.23 4.87 32.41
N SER A 35 -2.52 4.29 31.45
CA SER A 35 -1.54 5.05 30.68
C SER A 35 -2.14 6.33 30.11
N ASP A 36 -3.31 6.23 29.48
CA ASP A 36 -3.90 7.38 28.80
C ASP A 36 -4.16 8.52 29.77
N ALA A 37 -4.90 8.24 30.85
CA ALA A 37 -5.28 9.29 31.77
C ALA A 37 -4.08 9.85 32.51
N LEU A 38 -3.15 9.00 32.93
CA LEU A 38 -1.99 9.50 33.65
C LEU A 38 -1.07 10.31 32.75
N SER A 39 -1.04 10.00 31.44
CA SER A 39 -0.24 10.79 30.52
C SER A 39 -0.94 12.07 30.09
N SER A 40 -2.24 12.18 30.33
CA SER A 40 -2.95 13.40 29.96
C SER A 40 -2.43 14.64 30.69
N VAL A 41 -1.79 14.48 31.85
CA VAL A 41 -1.31 15.63 32.60
C VAL A 41 -0.13 16.33 31.94
N ALA A 42 0.54 15.67 31.00
CA ALA A 42 1.64 16.32 30.28
C ALA A 42 1.16 17.44 29.37
N TYR A 43 -0.15 17.53 29.12
CA TYR A 43 -0.70 18.57 28.26
C TYR A 43 -1.98 19.21 28.77
N GLY A 44 -2.62 18.68 29.82
CA GLY A 44 -3.81 19.34 30.33
C GLY A 44 -3.56 20.75 30.82
N THR A 45 -2.59 20.90 31.71
CA THR A 45 -2.26 22.23 32.22
C THR A 45 -1.71 23.13 31.12
N GLU A 46 -0.98 22.57 30.18
CA GLU A 46 -0.51 23.37 29.05
C GLU A 46 -1.67 23.93 28.25
N GLN A 47 -2.69 23.11 28.00
CA GLN A 47 -3.87 23.60 27.28
C GLN A 47 -4.59 24.67 28.08
N ILE A 48 -4.74 24.46 29.39
CA ILE A 48 -5.39 25.47 30.23
C ILE A 48 -4.65 26.80 30.13
N LEU A 49 -3.32 26.75 30.23
CA LEU A 49 -2.55 27.99 30.21
C LEU A 49 -2.56 28.64 28.84
N ILE A 50 -2.58 27.83 27.77
CA ILE A 50 -2.66 28.40 26.41
C ILE A 50 -3.97 29.15 26.24
N ILE A 51 -5.07 28.54 26.68
CA ILE A 51 -6.36 29.24 26.55
C ILE A 51 -6.40 30.47 27.44
N LEU A 52 -5.78 30.40 28.62
CA LEU A 52 -5.74 31.55 29.51
C LEU A 52 -4.64 32.55 29.15
N ALA A 53 -3.78 32.23 28.18
CA ALA A 53 -2.73 33.15 27.77
C ALA A 53 -3.21 34.17 26.74
N THR A 54 -4.41 34.01 26.19
CA THR A 54 -4.92 34.98 25.24
C THR A 54 -5.35 36.28 25.93
N ILE A 55 -5.69 36.21 27.22
CA ILE A 55 -6.01 37.41 27.97
C ILE A 55 -4.74 38.14 28.38
N SER A 56 -3.93 37.49 29.23
CA SER A 56 -2.69 38.05 29.75
C SER A 56 -2.03 36.99 30.60
N ALA A 57 -0.75 37.21 30.92
CA ALA A 57 -0.05 36.31 31.83
C ALA A 57 -0.66 36.36 33.22
N ALA A 58 -1.07 37.55 33.67
CA ALA A 58 -1.65 37.69 35.00
C ALA A 58 -2.95 36.91 35.15
N ALA A 59 -3.57 36.51 34.04
CA ALA A 59 -4.77 35.68 34.09
C ALA A 59 -4.48 34.26 34.54
N PHE A 60 -3.21 33.87 34.65
CA PHE A 60 -2.88 32.51 35.04
C PHE A 60 -3.42 32.16 36.43
N TRP A 61 -3.74 33.17 37.24
CA TRP A 61 -4.42 32.91 38.51
C TRP A 61 -5.66 32.04 38.30
N TYR A 62 -6.43 32.34 37.26
CA TYR A 62 -7.66 31.60 37.00
C TYR A 62 -7.39 30.14 36.64
N SER A 63 -6.14 29.78 36.35
CA SER A 63 -5.82 28.37 36.13
C SER A 63 -5.94 27.55 37.41
N ILE A 64 -5.98 28.18 38.57
CA ILE A 64 -6.12 27.44 39.83
C ILE A 64 -7.57 26.99 40.03
N PRO A 65 -8.57 27.87 39.96
CA PRO A 65 -9.94 27.37 40.15
C PRO A 65 -10.39 26.43 39.03
N ILE A 66 -10.14 26.79 37.77
CA ILE A 66 -10.59 25.96 36.66
C ILE A 66 -10.12 24.53 36.86
N ALA A 67 -8.85 24.36 37.25
CA ALA A 67 -8.32 23.03 37.47
C ALA A 67 -9.19 22.24 38.44
N VAL A 68 -9.47 22.80 39.62
CA VAL A 68 -10.29 22.05 40.56
C VAL A 68 -11.69 21.87 40.00
N GLY A 69 -12.18 22.86 39.24
CA GLY A 69 -13.44 22.67 38.55
C GLY A 69 -13.41 21.46 37.64
N VAL A 70 -12.33 21.33 36.87
CA VAL A 70 -12.16 20.13 36.05
C VAL A 70 -12.20 18.89 36.94
N LEU A 71 -11.49 18.96 38.07
CA LEU A 71 -11.50 17.84 39.01
C LEU A 71 -12.91 17.48 39.42
N ILE A 72 -13.75 18.51 39.64
CA ILE A 72 -15.14 18.24 39.99
C ILE A 72 -15.80 17.39 38.92
N LEU A 73 -15.67 17.80 37.66
CA LEU A 73 -16.19 17.00 36.57
C LEU A 73 -15.59 15.60 36.61
N LEU A 74 -14.27 15.53 36.82
CA LEU A 74 -13.61 14.24 36.92
C LEU A 74 -14.34 13.36 37.93
N LEU A 75 -14.60 13.92 39.12
CA LEU A 75 -15.33 13.19 40.14
C LEU A 75 -16.57 12.54 39.54
N ALA A 76 -17.44 13.36 38.95
CA ALA A 76 -18.66 12.83 38.35
C ALA A 76 -18.33 11.71 37.39
N LEU A 77 -17.43 11.98 36.44
CA LEU A 77 -17.07 10.97 35.46
C LEU A 77 -16.65 9.69 36.16
N ILE A 78 -15.70 9.80 37.09
CA ILE A 78 -15.29 8.62 37.86
C ILE A 78 -16.51 7.93 38.43
N LEU A 79 -17.28 8.66 39.24
CA LEU A 79 -18.47 8.09 39.84
C LEU A 79 -19.34 7.47 38.76
N SER A 80 -19.61 8.24 37.69
CA SER A 80 -20.46 7.73 36.63
C SER A 80 -19.91 6.43 36.08
N TYR A 81 -18.63 6.42 35.70
CA TYR A 81 -18.09 5.19 35.14
C TYR A 81 -17.98 4.10 36.16
N ARG A 82 -17.81 4.43 37.45
CA ARG A 82 -17.87 3.38 38.45
C ARG A 82 -19.16 2.58 38.28
N GLN A 83 -20.28 3.30 38.15
CA GLN A 83 -21.57 2.67 37.99
C GLN A 83 -21.57 1.76 36.77
N ILE A 84 -20.91 2.18 35.69
CA ILE A 84 -20.87 1.37 34.48
C ILE A 84 -20.20 0.03 34.75
N ILE A 85 -19.05 0.03 35.45
CA ILE A 85 -18.45 -1.27 35.77
C ILE A 85 -19.39 -2.07 36.66
N TYR A 86 -20.13 -1.40 37.53
CA TYR A 86 -21.15 -2.10 38.29
C TYR A 86 -22.31 -2.52 37.40
N ALA A 87 -22.63 -1.70 36.41
CA ALA A 87 -23.80 -1.99 35.56
C ALA A 87 -23.51 -3.09 34.56
N TYR A 88 -22.31 -3.11 33.98
CA TYR A 88 -21.96 -4.02 32.89
C TYR A 88 -20.66 -4.75 33.21
N PRO A 89 -20.71 -5.82 33.99
CA PRO A 89 -19.51 -6.61 34.23
C PRO A 89 -18.86 -7.13 32.96
N GLN A 90 -19.64 -7.40 31.92
CA GLN A 90 -19.08 -7.89 30.66
C GLN A 90 -18.14 -6.88 30.02
N GLY A 91 -18.28 -5.61 30.34
CA GLY A 91 -17.42 -4.59 29.77
C GLY A 91 -18.04 -3.95 28.55
N GLY A 92 -18.57 -2.74 28.70
CA GLY A 92 -19.23 -2.08 27.60
C GLY A 92 -18.64 -0.73 27.27
N GLY A 93 -17.99 -0.11 28.26
CA GLY A 93 -17.45 1.22 28.05
C GLY A 93 -18.56 2.21 27.76
N ALA A 94 -18.36 3.01 26.72
CA ALA A 94 -19.31 4.06 26.36
C ALA A 94 -20.12 3.71 25.12
N TYR A 95 -20.08 2.46 24.65
CA TYR A 95 -20.87 2.05 23.51
C TYR A 95 -22.07 1.19 23.90
N ILE A 96 -21.86 0.11 24.64
CA ILE A 96 -22.97 -0.73 25.07
C ILE A 96 -23.94 0.09 25.91
N VAL A 97 -23.41 0.94 26.80
CA VAL A 97 -24.26 1.82 27.59
C VAL A 97 -25.04 2.76 26.67
N SER A 98 -24.39 3.27 25.64
CA SER A 98 -25.02 4.23 24.73
C SER A 98 -25.84 3.57 23.63
N LYS A 99 -25.88 2.24 23.57
CA LYS A 99 -26.71 1.54 22.59
C LYS A 99 -27.89 0.84 23.23
N GLU A 100 -27.68 0.13 24.33
CA GLU A 100 -28.77 -0.57 24.99
C GLU A 100 -29.74 0.36 25.68
N ASN A 101 -29.42 1.65 25.82
CA ASN A 101 -30.23 2.59 26.56
C ASN A 101 -30.91 3.63 25.69
N LEU A 102 -30.23 4.19 24.71
CA LEU A 102 -30.86 5.19 23.85
C LEU A 102 -31.45 4.57 22.59
N GLY A 103 -30.63 3.93 21.78
CA GLY A 103 -31.12 3.34 20.56
C GLY A 103 -29.98 3.15 19.57
N GLU A 104 -30.37 2.78 18.34
CA GLU A 104 -29.38 2.46 17.32
C GLU A 104 -28.55 3.67 16.94
N LYS A 105 -29.20 4.79 16.61
CA LYS A 105 -28.46 5.96 16.15
C LYS A 105 -27.52 6.53 17.22
N PRO A 106 -27.95 6.75 18.47
CA PRO A 106 -26.98 7.21 19.47
C PRO A 106 -25.88 6.21 19.76
N GLY A 107 -26.18 4.91 19.73
CA GLY A 107 -25.14 3.92 19.93
C GLY A 107 -24.08 3.97 18.85
N LEU A 108 -24.50 4.10 17.59
CA LEU A 108 -23.53 4.19 16.51
C LEU A 108 -22.78 5.52 16.55
N ILE A 109 -23.44 6.59 16.99
CA ILE A 109 -22.73 7.86 17.17
C ILE A 109 -21.64 7.71 18.22
N ALA A 110 -21.96 7.06 19.33
CA ALA A 110 -20.97 6.82 20.37
C ALA A 110 -19.84 5.94 19.85
N GLY A 111 -20.16 4.93 19.05
CA GLY A 111 -19.11 4.09 18.48
C GLY A 111 -18.19 4.86 17.55
N GLY A 112 -18.76 5.65 16.65
CA GLY A 112 -17.94 6.44 15.75
C GLY A 112 -17.09 7.45 16.49
N SER A 113 -17.65 8.07 17.53
CA SER A 113 -16.88 9.04 18.29
C SER A 113 -15.80 8.36 19.13
N LEU A 114 -16.04 7.14 19.59
CA LEU A 114 -14.96 6.40 20.24
C LEU A 114 -13.86 6.06 19.25
N LEU A 115 -14.22 5.77 18.00
CA LEU A 115 -13.20 5.50 16.98
C LEU A 115 -12.35 6.76 16.74
N VAL A 116 -13.01 7.91 16.60
CA VAL A 116 -12.24 9.13 16.42
C VAL A 116 -11.46 9.47 17.68
N ASP A 117 -11.96 9.05 18.84
CA ASP A 117 -11.21 9.23 20.08
C ASP A 117 -9.95 8.39 20.09
N TYR A 118 -10.01 7.17 19.55
CA TYR A 118 -8.81 6.35 19.48
C TYR A 118 -7.80 6.93 18.51
N ILE A 119 -8.27 7.39 17.34
CA ILE A 119 -7.37 8.00 16.38
C ILE A 119 -6.71 9.24 16.99
N LEU A 120 -7.51 10.09 17.64
CA LEU A 120 -6.94 11.26 18.28
C LEU A 120 -6.08 10.90 19.48
N THR A 121 -6.38 9.79 20.16
CA THR A 121 -5.55 9.37 21.28
C THR A 121 -4.14 9.07 20.81
N VAL A 122 -4.01 8.23 19.77
CA VAL A 122 -2.66 7.95 19.27
C VAL A 122 -2.02 9.22 18.72
N ALA A 123 -2.78 10.04 17.99
CA ALA A 123 -2.19 11.24 17.39
C ALA A 123 -1.70 12.21 18.46
N VAL A 124 -2.55 12.55 19.43
CA VAL A 124 -2.20 13.53 20.44
C VAL A 124 -1.13 12.99 21.37
N SER A 125 -1.24 11.72 21.78
CA SER A 125 -0.23 11.18 22.67
C SER A 125 1.15 11.16 22.00
N ILE A 126 1.21 10.76 20.73
CA ILE A 126 2.49 10.75 20.02
C ILE A 126 2.99 12.17 19.81
N SER A 127 2.10 13.10 19.48
CA SER A 127 2.51 14.49 19.27
C SER A 127 3.07 15.09 20.55
N ALA A 128 2.41 14.86 21.68
CA ALA A 128 2.91 15.35 22.95
C ALA A 128 4.21 14.67 23.35
N GLY A 129 4.36 13.37 23.05
CA GLY A 129 5.62 12.71 23.33
C GLY A 129 6.76 13.29 22.52
N THR A 130 6.52 13.55 21.24
CA THR A 130 7.55 14.18 20.41
C THR A 130 7.84 15.60 20.90
N ASP A 131 6.82 16.31 21.35
CA ASP A 131 7.04 17.66 21.87
C ASP A 131 7.88 17.62 23.15
N ALA A 132 7.63 16.63 24.01
CA ALA A 132 8.45 16.47 25.21
C ALA A 132 9.89 16.12 24.85
N ILE A 133 10.07 15.24 23.85
CA ILE A 133 11.42 14.90 23.41
C ILE A 133 12.13 16.14 22.88
N THR A 134 11.45 16.93 22.04
CA THR A 134 12.05 18.14 21.51
C THR A 134 12.36 19.13 22.62
N SER A 135 11.54 19.16 23.67
CA SER A 135 11.89 19.96 24.84
C SER A 135 13.16 19.46 25.48
N ALA A 136 13.32 18.14 25.59
CA ALA A 136 14.55 17.59 26.14
C ALA A 136 15.75 17.90 25.25
N PHE A 137 15.58 17.79 23.94
CA PHE A 137 16.66 18.03 22.96
C PHE A 137 16.19 19.09 21.99
N PRO A 138 16.40 20.38 22.30
CA PRO A 138 15.84 21.44 21.46
C PRO A 138 16.34 21.43 20.03
N ALA A 139 17.50 20.80 19.77
CA ALA A 139 18.00 20.72 18.41
C ALA A 139 17.07 19.92 17.50
N LEU A 140 16.27 19.02 18.07
CA LEU A 140 15.35 18.21 17.29
C LEU A 140 14.04 18.91 17.00
N HIS A 141 13.84 20.12 17.54
CA HIS A 141 12.54 20.78 17.42
C HIS A 141 12.18 21.10 15.98
N ASP A 142 13.19 21.29 15.13
CA ASP A 142 12.91 21.55 13.71
C ASP A 142 12.25 20.34 13.07
N TYR A 143 12.72 19.14 13.40
CA TYR A 143 12.15 17.90 12.86
C TYR A 143 11.10 17.36 13.83
N HIS A 144 9.93 17.99 13.82
CA HIS A 144 8.87 17.60 14.73
C HIS A 144 7.93 16.56 14.11
N VAL A 145 7.41 16.83 12.92
CA VAL A 145 6.56 15.86 12.25
C VAL A 145 7.35 14.65 11.72
N PRO A 146 8.65 14.75 11.35
CA PRO A 146 9.36 13.51 10.99
C PRO A 146 9.50 12.56 12.16
N ILE A 147 9.91 13.07 13.33
CA ILE A 147 10.00 12.20 14.50
C ILE A 147 8.61 11.74 14.92
N ALA A 148 7.58 12.54 14.67
CA ALA A 148 6.22 12.14 15.00
C ALA A 148 5.78 10.95 14.16
N ILE A 149 5.97 11.04 12.84
CA ILE A 149 5.60 9.90 12.00
C ILE A 149 6.50 8.72 12.30
N PHE A 150 7.74 8.95 12.70
CA PHE A 150 8.60 7.84 13.08
C PHE A 150 8.06 7.11 14.31
N LEU A 151 7.61 7.87 15.32
CA LEU A 151 7.04 7.24 16.50
C LEU A 151 5.74 6.51 16.18
N VAL A 152 4.89 7.11 15.34
CA VAL A 152 3.69 6.40 14.91
C VAL A 152 4.07 5.09 14.23
N LEU A 153 5.09 5.12 13.39
CA LEU A 153 5.47 3.92 12.64
C LEU A 153 6.06 2.86 13.56
N VAL A 154 6.86 3.25 14.55
CA VAL A 154 7.42 2.24 15.44
C VAL A 154 6.32 1.62 16.30
N ILE A 155 5.35 2.42 16.74
CA ILE A 155 4.24 1.83 17.49
C ILE A 155 3.40 0.94 16.59
N MET A 156 3.23 1.31 15.32
CA MET A 156 2.52 0.47 14.37
C MET A 156 3.22 -0.87 14.21
N ILE A 157 4.54 -0.85 14.08
CA ILE A 157 5.29 -2.09 13.93
C ILE A 157 5.19 -2.93 15.19
N LEU A 158 5.28 -2.29 16.37
CA LEU A 158 5.16 -3.02 17.62
C LEU A 158 3.80 -3.69 17.76
N ASN A 159 2.74 -2.98 17.38
CA ASN A 159 1.40 -3.53 17.48
C ASN A 159 1.00 -4.39 16.28
N LEU A 160 1.86 -4.50 15.26
CA LEU A 160 1.58 -5.42 14.17
C LEU A 160 2.11 -6.81 14.47
N ARG A 161 3.29 -6.91 15.06
CA ARG A 161 3.84 -8.19 15.49
C ARG A 161 3.52 -8.47 16.96
N GLY A 162 2.24 -8.35 17.31
CA GLY A 162 1.82 -8.56 18.69
C GLY A 162 2.30 -7.48 19.63
N ALA A 167 2.08 -7.29 28.01
CA ALA A 167 3.41 -7.60 28.51
C ALA A 167 3.75 -6.73 29.72
N SER A 168 4.86 -7.07 30.39
CA SER A 168 5.29 -6.31 31.55
C SER A 168 6.10 -5.07 31.17
N ILE A 169 6.47 -4.93 29.89
CA ILE A 169 7.19 -3.73 29.45
C ILE A 169 6.26 -2.55 29.22
N LEU A 170 4.95 -2.74 29.37
CA LEU A 170 3.98 -1.66 29.26
C LEU A 170 3.46 -1.20 30.61
N ALA A 171 4.10 -1.63 31.70
CA ALA A 171 3.69 -1.23 33.04
C ALA A 171 4.76 -0.44 33.79
N TYR A 172 6.04 -0.70 33.51
CA TYR A 172 7.10 0.10 34.14
C TYR A 172 7.04 1.58 33.78
N PRO A 173 6.84 1.98 32.51
CA PRO A 173 6.82 3.42 32.22
C PRO A 173 5.75 4.19 32.98
N VAL A 174 4.58 3.61 33.17
CA VAL A 174 3.50 4.33 33.87
C VAL A 174 3.87 4.54 35.34
N TYR A 175 4.39 3.49 35.98
CA TYR A 175 4.82 3.63 37.37
C TYR A 175 5.96 4.64 37.49
N LEU A 176 6.89 4.62 36.54
CA LEU A 176 7.97 5.59 36.54
C LEU A 176 7.42 7.01 36.40
N PHE A 177 6.44 7.20 35.54
CA PHE A 177 5.84 8.53 35.37
C PHE A 177 5.13 8.98 36.65
N VAL A 178 4.39 8.07 37.28
CA VAL A 178 3.70 8.43 38.51
C VAL A 178 4.71 8.84 39.59
N VAL A 179 5.77 8.05 39.75
CA VAL A 179 6.77 8.36 40.77
C VAL A 179 7.48 9.67 40.45
N ALA A 180 7.87 9.86 39.19
CA ALA A 180 8.58 11.07 38.81
C ALA A 180 7.72 12.30 39.02
N LEU A 181 6.45 12.25 38.62
CA LEU A 181 5.60 13.41 38.79
C LEU A 181 5.24 13.63 40.25
N LEU A 182 5.11 12.57 41.05
CA LEU A 182 4.85 12.76 42.47
C LEU A 182 6.02 13.43 43.17
N VAL A 183 7.25 12.99 42.87
CA VAL A 183 8.39 13.64 43.50
C VAL A 183 8.59 15.04 42.96
N LEU A 184 8.23 15.27 41.68
CA LEU A 184 8.30 16.62 41.14
C LEU A 184 7.30 17.54 41.84
N ILE A 185 6.09 17.06 42.10
CA ILE A 185 5.12 17.84 42.85
C ILE A 185 5.63 18.11 44.26
N ALA A 186 6.23 17.10 44.89
CA ALA A 186 6.75 17.27 46.24
C ALA A 186 7.82 18.35 46.29
N VAL A 187 8.80 18.27 45.38
CA VAL A 187 9.87 19.27 45.40
C VAL A 187 9.35 20.63 44.96
N GLY A 188 8.34 20.68 44.09
CA GLY A 188 7.75 21.95 43.72
C GLY A 188 7.05 22.63 44.88
N LEU A 189 6.30 21.86 45.67
CA LEU A 189 5.70 22.41 46.89
C LEU A 189 6.77 22.83 47.88
N PHE A 190 7.85 22.05 47.99
CA PHE A 190 8.94 22.41 48.88
C PHE A 190 9.56 23.75 48.47
N LYS A 191 9.80 23.93 47.17
CA LYS A 191 10.36 25.19 46.69
C LYS A 191 9.37 26.33 46.91
N LEU A 192 8.08 26.09 46.65
CA LEU A 192 7.07 27.13 46.85
C LEU A 192 6.83 27.41 48.32
N MET A 193 7.35 26.59 49.22
CA MET A 193 7.21 26.82 50.65
C MET A 193 8.56 26.83 51.34
N LEU A 215 -16.36 35.92 30.99
CA LEU A 215 -16.44 34.62 31.64
C LEU A 215 -16.46 33.51 30.59
N PHE A 216 -16.80 33.87 29.35
CA PHE A 216 -16.84 32.88 28.28
C PHE A 216 -15.46 32.28 28.04
N LEU A 217 -14.42 33.11 28.07
CA LEU A 217 -13.07 32.58 27.88
C LEU A 217 -12.67 31.68 29.04
N LEU A 218 -13.16 31.95 30.25
CA LEU A 218 -12.95 31.03 31.35
C LEU A 218 -13.61 29.69 31.05
N LEU A 219 -14.77 29.70 30.42
CA LEU A 219 -15.42 28.45 30.05
C LEU A 219 -14.66 27.72 28.96
N LYS A 220 -14.07 28.47 28.01
CA LYS A 220 -13.22 27.84 27.01
C LYS A 220 -12.02 27.17 27.67
N ALA A 221 -11.41 27.84 28.65
CA ALA A 221 -10.32 27.24 29.40
C ALA A 221 -10.78 26.00 30.15
N PHE A 222 -11.99 26.05 30.71
CA PHE A 222 -12.53 24.87 31.40
C PHE A 222 -12.69 23.70 30.45
N SER A 223 -13.17 23.96 29.24
CA SER A 223 -13.31 22.89 28.26
C SER A 223 -11.95 22.31 27.88
N SER A 224 -11.00 23.19 27.55
CA SER A 224 -9.68 22.72 27.15
C SER A 224 -8.94 22.04 28.29
N GLY A 225 -9.34 22.30 29.53
CA GLY A 225 -8.76 21.62 30.68
C GLY A 225 -9.41 20.28 30.95
N CYS A 226 -10.74 20.22 30.79
CA CYS A 226 -11.42 18.94 30.80
C CYS A 226 -10.92 18.04 29.70
N SER A 227 -10.33 18.62 28.65
CA SER A 227 -9.64 17.82 27.63
C SER A 227 -8.47 17.02 28.19
N ALA A 228 -8.13 17.20 29.47
CA ALA A 228 -7.16 16.36 30.14
C ALA A 228 -7.79 15.12 30.76
N LEU A 229 -9.07 14.90 30.53
CA LEU A 229 -9.81 13.75 31.06
C LEU A 229 -10.24 12.91 29.86
N THR A 230 -9.36 12.03 29.40
CA THR A 230 -9.63 11.29 28.18
C THR A 230 -9.47 9.80 28.36
N GLY A 231 -8.58 9.39 29.25
CA GLY A 231 -8.27 7.98 29.39
C GLY A 231 -9.18 7.20 30.31
N VAL A 232 -10.24 7.83 30.82
CA VAL A 232 -11.06 7.16 31.82
C VAL A 232 -11.78 5.96 31.21
N GLU A 233 -12.05 5.98 29.90
CA GLU A 233 -12.78 4.90 29.26
C GLU A 233 -12.04 3.58 29.22
N ALA A 234 -10.72 3.59 29.47
CA ALA A 234 -9.93 2.38 29.26
C ALA A 234 -10.32 1.27 30.22
N ILE A 235 -10.54 1.60 31.50
CA ILE A 235 -10.90 0.57 32.47
C ILE A 235 -12.30 0.04 32.19
N SER A 236 -13.23 0.93 31.86
CA SER A 236 -14.58 0.48 31.50
C SER A 236 -14.56 -0.41 30.27
N ASN A 237 -13.61 -0.18 29.36
CA ASN A 237 -13.49 -1.05 28.19
C ASN A 237 -12.83 -2.39 28.52
N ALA A 238 -11.88 -2.40 29.46
CA ALA A 238 -11.09 -3.59 29.74
C ALA A 238 -11.41 -4.20 31.10
N ILE A 239 -12.65 -4.03 31.57
CA ILE A 239 -13.11 -4.77 32.76
C ILE A 239 -12.77 -6.25 32.72
N PRO A 240 -13.05 -7.01 31.62
CA PRO A 240 -12.91 -8.47 31.69
C PRO A 240 -11.49 -8.98 31.91
N ALA A 241 -10.52 -8.08 32.08
CA ALA A 241 -9.12 -8.46 32.27
C ALA A 241 -8.68 -8.34 33.72
N PHE A 242 -9.54 -8.69 34.67
CA PHE A 242 -9.27 -8.46 36.08
C PHE A 242 -9.35 -9.77 36.87
N LYS A 243 -9.33 -9.63 38.19
CA LYS A 243 -9.26 -10.76 39.10
C LYS A 243 -10.66 -11.38 39.27
N ASN A 244 -10.80 -12.25 40.27
CA ASN A 244 -12.05 -13.00 40.44
C ASN A 244 -13.27 -12.11 40.61
N PRO A 245 -13.27 -11.05 41.40
CA PRO A 245 -14.39 -10.08 41.36
C PRO A 245 -14.11 -8.97 40.37
N PRO A 246 -14.37 -9.19 39.07
CA PRO A 246 -13.93 -8.21 38.08
C PRO A 246 -14.55 -6.84 38.26
N ALA A 247 -15.85 -6.78 38.59
CA ALA A 247 -16.53 -5.49 38.67
C ALA A 247 -16.03 -4.67 39.85
N ARG A 248 -15.99 -5.28 41.04
CA ARG A 248 -15.54 -4.53 42.21
C ARG A 248 -14.08 -4.13 42.09
N ASN A 249 -13.24 -5.04 41.58
CA ASN A 249 -11.82 -4.72 41.43
C ASN A 249 -11.62 -3.60 40.41
N ALA A 250 -12.36 -3.64 39.29
CA ALA A 250 -12.25 -2.58 38.30
C ALA A 250 -12.75 -1.25 38.84
N ALA A 251 -13.83 -1.27 39.62
CA ALA A 251 -14.29 -0.03 40.25
C ALA A 251 -13.24 0.52 41.21
N ARG A 252 -12.61 -0.36 42.00
CA ARG A 252 -11.58 0.08 42.92
C ARG A 252 -10.39 0.68 42.18
N THR A 253 -9.95 0.03 41.10
CA THR A 253 -8.78 0.55 40.39
C THR A 253 -9.11 1.81 39.61
N LEU A 254 -10.36 1.99 39.18
CA LEU A 254 -10.72 3.24 38.53
C LEU A 254 -10.85 4.36 39.55
N ALA A 255 -11.27 4.05 40.77
CA ALA A 255 -11.21 5.04 41.84
C ALA A 255 -9.77 5.44 42.12
N MET A 256 -8.86 4.47 42.17
CA MET A 256 -7.44 4.79 42.34
C MET A 256 -6.93 5.63 41.18
N MET A 257 -7.35 5.30 39.96
CA MET A 257 -7.01 6.10 38.78
C MET A 257 -7.49 7.53 38.92
N GLY A 258 -8.73 7.71 39.35
CA GLY A 258 -9.24 9.06 39.53
C GLY A 258 -8.46 9.85 40.56
N ILE A 259 -8.17 9.21 41.70
CA ILE A 259 -7.42 9.88 42.75
C ILE A 259 -6.04 10.28 42.25
N LEU A 260 -5.35 9.35 41.57
CA LEU A 260 -4.00 9.61 41.11
C LEU A 260 -3.97 10.71 40.05
N LEU A 261 -4.90 10.64 39.09
CA LEU A 261 -4.95 11.67 38.05
C LEU A 261 -5.29 13.02 38.63
N ALA A 262 -6.22 13.07 39.60
CA ALA A 262 -6.54 14.32 40.25
C ALA A 262 -5.32 14.90 40.97
N ILE A 263 -4.59 14.04 41.69
CA ILE A 263 -3.41 14.50 42.40
C ILE A 263 -2.38 15.07 41.43
N LEU A 264 -2.10 14.33 40.35
CA LEU A 264 -1.10 14.76 39.38
C LEU A 264 -1.51 16.08 38.73
N PHE A 265 -2.76 16.17 38.26
CA PHE A 265 -3.21 17.36 37.58
C PHE A 265 -3.22 18.56 38.51
N SER A 266 -3.71 18.39 39.74
CA SER A 266 -3.72 19.48 40.69
C SER A 266 -2.31 19.94 41.02
N GLY A 267 -1.39 19.00 41.21
CA GLY A 267 -0.01 19.37 41.48
C GLY A 267 0.63 20.13 40.33
N ILE A 268 0.40 19.65 39.10
CA ILE A 268 1.00 20.33 37.95
C ILE A 268 0.41 21.73 37.79
N THR A 269 -0.90 21.88 37.98
CA THR A 269 -1.52 23.19 37.86
C THR A 269 -1.01 24.14 38.94
N VAL A 270 -0.90 23.66 40.18
CA VAL A 270 -0.45 24.53 41.26
C VAL A 270 1.02 24.89 41.07
N LEU A 271 1.82 23.97 40.51
CA LEU A 271 3.21 24.30 40.24
C LEU A 271 3.33 25.31 39.11
N ALA A 272 2.49 25.19 38.08
CA ALA A 272 2.49 26.17 37.01
C ALA A 272 2.07 27.53 37.52
N TYR A 273 1.10 27.58 38.42
CA TYR A 273 0.71 28.84 39.05
C TYR A 273 1.86 29.43 39.85
N GLY A 274 2.49 28.59 40.69
CA GLY A 274 3.53 29.10 41.57
C GLY A 274 4.73 29.63 40.82
N TYR A 275 5.18 28.89 39.80
CA TYR A 275 6.34 29.33 39.02
C TYR A 275 5.99 30.44 38.04
N GLY A 276 4.70 30.73 37.85
CA GLY A 276 4.31 31.73 36.87
C GLY A 276 4.72 31.38 35.45
N THR A 277 4.75 30.09 35.13
CA THR A 277 5.19 29.67 33.81
C THR A 277 4.14 29.99 32.76
N ALA A 278 4.59 30.10 31.52
CA ALA A 278 3.74 30.33 30.37
C ALA A 278 4.09 29.35 29.27
N PRO A 279 3.12 28.94 28.46
CA PRO A 279 3.40 27.92 27.44
C PRO A 279 4.24 28.46 26.29
N LYS A 280 5.51 28.05 26.26
CA LYS A 280 6.37 28.42 25.13
C LYS A 280 6.17 27.42 24.00
N PRO A 281 6.17 27.86 22.74
CA PRO A 281 6.01 26.92 21.62
C PRO A 281 7.09 25.85 21.58
N ASP A 282 8.20 26.07 22.28
CA ASP A 282 9.31 25.14 22.24
C ASP A 282 9.18 23.97 23.22
N GLU A 283 8.36 24.09 24.26
CA GLU A 283 8.35 23.06 25.29
C GLU A 283 7.02 23.08 26.03
N THR A 284 6.73 21.95 26.68
CA THR A 284 5.51 21.79 27.45
C THR A 284 5.61 22.49 28.80
N VAL A 285 4.46 22.62 29.46
CA VAL A 285 4.44 23.24 30.79
C VAL A 285 5.12 22.34 31.82
N VAL A 286 4.88 21.02 31.75
CA VAL A 286 5.57 20.11 32.65
C VAL A 286 7.08 20.19 32.44
N SER A 287 7.50 20.37 31.19
CA SER A 287 8.93 20.53 30.91
C SER A 287 9.48 21.78 31.58
N GLN A 288 8.75 22.89 31.52
CA GLN A 288 9.21 24.11 32.18
C GLN A 288 9.24 23.94 33.69
N ILE A 289 8.25 23.25 34.26
CA ILE A 289 8.26 22.99 35.69
C ILE A 289 9.50 22.20 36.08
N ALA A 290 9.78 21.12 35.35
CA ALA A 290 10.95 20.30 35.67
C ALA A 290 12.24 21.09 35.49
N SER A 291 12.32 21.91 34.46
CA SER A 291 13.53 22.69 34.22
C SER A 291 13.76 23.72 35.32
N GLU A 292 12.71 24.47 35.67
CA GLU A 292 12.86 25.48 36.71
C GLU A 292 13.03 24.86 38.09
N THR A 293 12.67 23.60 38.27
CA THR A 293 12.87 22.96 39.57
C THR A 293 14.23 22.29 39.70
N PHE A 294 14.74 21.71 38.61
CA PHE A 294 15.96 20.91 38.67
C PHE A 294 17.06 21.38 37.73
N GLY A 295 16.82 22.43 36.94
CA GLY A 295 17.88 23.04 36.16
C GLY A 295 18.51 22.14 35.11
N ARG A 296 17.68 21.41 34.35
CA ARG A 296 18.14 20.58 33.25
C ARG A 296 19.18 19.56 33.69
N ASN A 297 19.06 19.04 34.92
CA ASN A 297 19.98 18.05 35.43
C ASN A 297 19.61 16.67 34.88
N VAL A 298 20.20 15.63 35.46
CA VAL A 298 19.87 14.27 35.01
C VAL A 298 18.41 13.94 35.31
N PHE A 299 17.89 14.45 36.43
CA PHE A 299 16.51 14.15 36.78
C PHE A 299 15.51 14.81 35.84
N TYR A 300 15.83 16.01 35.34
CA TYR A 300 14.96 16.65 34.35
C TYR A 300 14.90 15.82 33.08
N TYR A 301 16.04 15.33 32.62
CA TYR A 301 16.04 14.45 31.45
C TYR A 301 15.31 13.16 31.73
N VAL A 302 15.40 12.65 32.96
CA VAL A 302 14.63 11.46 33.34
C VAL A 302 13.14 11.74 33.21
N ILE A 303 12.70 12.89 33.72
CA ILE A 303 11.29 13.25 33.65
C ILE A 303 10.84 13.37 32.20
N GLN A 304 11.64 14.03 31.37
CA GLN A 304 11.27 14.19 29.97
C GLN A 304 11.20 12.85 29.25
N GLY A 305 12.20 12.00 29.46
CA GLY A 305 12.19 10.70 28.83
C GLY A 305 11.01 9.85 29.28
N VAL A 306 10.70 9.88 30.57
CA VAL A 306 9.59 9.08 31.09
C VAL A 306 8.27 9.63 30.59
N THR A 307 8.13 10.95 30.49
CA THR A 307 6.90 11.53 29.95
C THR A 307 6.71 11.12 28.50
N SER A 308 7.77 11.20 27.70
CA SER A 308 7.67 10.76 26.32
C SER A 308 7.33 9.27 26.24
N LEU A 309 7.92 8.47 27.12
CA LEU A 309 7.65 7.04 27.12
C LEU A 309 6.19 6.76 27.46
N ILE A 310 5.64 7.46 28.46
CA ILE A 310 4.26 7.19 28.83
C ILE A 310 3.30 7.70 27.76
N LEU A 311 3.66 8.76 27.04
CA LEU A 311 2.80 9.19 25.95
C LEU A 311 2.82 8.20 24.80
N VAL A 312 4.00 7.66 24.47
CA VAL A 312 4.07 6.57 23.51
C VAL A 312 3.24 5.38 23.98
N LEU A 313 3.29 5.10 25.29
CA LEU A 313 2.51 3.99 25.83
C LEU A 313 1.02 4.26 25.72
N ALA A 314 0.61 5.52 25.89
CA ALA A 314 -0.80 5.87 25.70
C ALA A 314 -1.23 5.65 24.27
N ALA A 315 -0.37 6.02 23.31
CA ALA A 315 -0.68 5.72 21.92
C ALA A 315 -0.81 4.22 21.70
N ASN A 316 0.07 3.44 22.32
CA ASN A 316 -0.01 1.99 22.19
C ASN A 316 -1.32 1.46 22.77
N THR A 317 -1.76 2.03 23.89
CA THR A 317 -3.04 1.61 24.47
C THR A 317 -4.20 1.95 23.54
N GLY A 318 -4.14 3.10 22.89
CA GLY A 318 -5.17 3.41 21.90
C GLY A 318 -5.21 2.38 20.78
N PHE A 319 -4.04 2.03 20.24
CA PHE A 319 -4.00 1.01 19.19
C PHE A 319 -4.57 -0.31 19.70
N SER A 320 -4.16 -0.74 20.89
CA SER A 320 -4.55 -2.06 21.38
C SER A 320 -5.97 -2.10 21.91
N ALA A 321 -6.60 -0.95 22.14
CA ALA A 321 -7.99 -0.92 22.58
C ALA A 321 -8.96 -0.64 21.44
N PHE A 322 -8.49 -0.19 20.29
CA PHE A 322 -9.40 -0.04 19.15
C PHE A 322 -10.08 -1.35 18.77
N PRO A 323 -9.38 -2.50 18.67
CA PRO A 323 -10.09 -3.74 18.33
C PRO A 323 -11.17 -4.12 19.31
N GLN A 324 -11.09 -3.68 20.57
CA GLN A 324 -12.20 -3.93 21.49
C GLN A 324 -13.47 -3.24 21.01
N LEU A 325 -13.34 -1.98 20.59
CA LEU A 325 -14.48 -1.28 19.97
C LEU A 325 -14.92 -1.99 18.70
N ALA A 326 -13.98 -2.40 17.87
CA ALA A 326 -14.33 -3.04 16.62
C ALA A 326 -15.12 -4.32 16.85
N PHE A 327 -14.71 -5.10 17.86
CA PHE A 327 -15.42 -6.33 18.18
C PHE A 327 -16.79 -6.04 18.76
N ASN A 328 -16.89 -5.07 19.67
CA ASN A 328 -18.20 -4.70 20.21
C ASN A 328 -19.15 -4.25 19.11
N LEU A 329 -18.62 -3.65 18.06
CA LEU A 329 -19.47 -3.21 16.96
C LEU A 329 -19.83 -4.36 16.02
N ALA A 330 -18.84 -5.18 15.66
CA ALA A 330 -19.07 -6.26 14.71
C ALA A 330 -19.92 -7.37 15.30
N ARG A 331 -19.97 -7.49 16.63
CA ARG A 331 -20.93 -8.41 17.23
C ARG A 331 -22.37 -7.95 17.01
N ASP A 332 -22.58 -6.68 16.68
CA ASP A 332 -23.89 -6.14 16.36
C ASP A 332 -24.03 -5.86 14.87
N GLN A 333 -23.18 -6.45 14.04
CA GLN A 333 -23.27 -6.38 12.58
C GLN A 333 -23.05 -4.96 12.05
N TYR A 334 -22.26 -4.14 12.76
CA TYR A 334 -21.94 -2.80 12.27
C TYR A 334 -20.54 -2.70 11.69
N MET A 335 -19.63 -3.56 12.10
CA MET A 335 -18.29 -3.66 11.54
C MET A 335 -18.10 -5.04 10.94
N PRO A 336 -17.15 -5.19 10.01
CA PRO A 336 -17.05 -6.46 9.27
C PRO A 336 -16.90 -7.65 10.19
N ARG A 337 -17.36 -8.81 9.71
CA ARG A 337 -17.29 -10.03 10.49
C ARG A 337 -15.88 -10.50 10.73
N MET A 338 -14.89 -9.95 10.02
CA MET A 338 -13.51 -10.26 10.31
C MET A 338 -13.11 -9.86 11.73
N PHE A 339 -13.83 -8.91 12.32
CA PHE A 339 -13.51 -8.42 13.67
C PHE A 339 -14.18 -9.22 14.77
N THR A 340 -15.10 -10.13 14.44
CA THR A 340 -15.78 -10.90 15.48
C THR A 340 -14.83 -11.81 16.22
N VAL A 341 -13.80 -12.33 15.55
CA VAL A 341 -12.85 -13.25 16.19
C VAL A 341 -11.77 -12.37 16.82
N ARG A 342 -12.08 -11.87 18.01
CA ARG A 342 -11.22 -10.87 18.65
C ARG A 342 -9.89 -11.49 19.07
N GLY A 343 -9.94 -12.64 19.73
CA GLY A 343 -8.72 -13.21 20.30
C GLY A 343 -7.75 -13.76 19.29
N ASP A 344 -8.22 -14.07 18.08
CA ASP A 344 -7.36 -14.62 17.04
C ASP A 344 -6.64 -13.53 16.24
N ARG A 345 -6.98 -12.27 16.46
CA ARG A 345 -6.31 -11.13 15.82
C ARG A 345 -6.44 -11.22 14.30
N LEU A 346 -7.69 -11.15 13.83
CA LEU A 346 -7.97 -11.13 12.41
C LEU A 346 -8.01 -9.70 11.88
N GLY A 347 -8.87 -8.87 12.45
CA GLY A 347 -8.91 -7.49 12.05
C GLY A 347 -7.89 -6.62 12.73
N PHE A 348 -7.05 -7.20 13.58
CA PHE A 348 -6.06 -6.40 14.28
C PHE A 348 -5.10 -5.72 13.32
N SER A 349 -4.64 -6.45 12.31
CA SER A 349 -3.69 -5.86 11.35
C SER A 349 -4.34 -4.73 10.56
N ASN A 350 -5.54 -4.96 10.04
CA ASN A 350 -6.22 -3.91 9.28
C ASN A 350 -6.53 -2.71 10.16
N GLY A 351 -6.97 -2.95 11.39
CA GLY A 351 -7.26 -1.85 12.29
C GLY A 351 -6.04 -1.04 12.66
N ILE A 352 -4.92 -1.71 12.94
CA ILE A 352 -3.69 -1.00 13.25
C ILE A 352 -3.24 -0.19 12.04
N ILE A 353 -3.33 -0.77 10.84
CA ILE A 353 -2.99 -0.01 9.64
C ILE A 353 -3.85 1.24 9.53
N PHE A 354 -5.15 1.09 9.77
CA PHE A 354 -6.07 2.22 9.60
C PHE A 354 -5.80 3.33 10.61
N LEU A 355 -5.66 2.97 11.90
CA LEU A 355 -5.40 4.01 12.89
C LEU A 355 -4.02 4.62 12.71
N GLY A 356 -3.03 3.84 12.28
CA GLY A 356 -1.74 4.43 12.00
C GLY A 356 -1.80 5.45 10.89
N PHE A 357 -2.45 5.09 9.78
CA PHE A 357 -2.55 6.04 8.66
C PHE A 357 -3.40 7.25 9.04
N ALA A 358 -4.48 7.05 9.78
CA ALA A 358 -5.31 8.17 10.19
C ALA A 358 -4.55 9.10 11.14
N SER A 359 -3.77 8.54 12.06
CA SER A 359 -2.97 9.37 12.95
C SER A 359 -1.89 10.11 12.16
N ILE A 360 -1.30 9.46 11.16
CA ILE A 360 -0.33 10.15 10.31
C ILE A 360 -0.99 11.34 9.61
N VAL A 361 -2.18 11.11 9.05
CA VAL A 361 -2.87 12.18 8.33
C VAL A 361 -3.22 13.32 9.28
N LEU A 362 -3.73 13.00 10.47
CA LEU A 362 -4.14 14.03 11.42
C LEU A 362 -2.97 14.65 12.17
N ILE A 363 -1.76 14.09 12.05
CA ILE A 363 -0.58 14.72 12.62
C ILE A 363 0.22 15.49 11.58
N ILE A 364 0.03 15.21 10.29
CA ILE A 364 0.64 16.01 9.23
C ILE A 364 -0.23 17.18 8.85
N LEU A 365 -1.54 16.96 8.72
CA LEU A 365 -2.45 18.06 8.38
C LEU A 365 -2.45 19.12 9.49
N PHE A 366 -2.42 18.69 10.74
CA PHE A 366 -2.37 19.60 11.87
C PHE A 366 -0.94 19.95 12.28
N GLY A 367 0.05 19.37 11.62
CA GLY A 367 1.43 19.80 11.81
C GLY A 367 2.09 19.36 13.09
N GLY A 368 1.46 18.49 13.86
CA GLY A 368 2.05 18.03 15.11
C GLY A 368 1.86 18.96 16.28
N GLN A 369 1.21 20.11 16.09
CA GLN A 369 0.93 21.02 17.19
C GLN A 369 -0.19 20.43 18.05
N THR A 370 0.16 19.98 19.25
CA THR A 370 -0.84 19.36 20.12
C THR A 370 -1.96 20.32 20.49
N GLU A 371 -1.70 21.62 20.50
CA GLU A 371 -2.75 22.58 20.82
C GLU A 371 -3.84 22.59 19.75
N HIS A 372 -3.45 22.46 18.48
CA HIS A 372 -4.42 22.44 17.39
C HIS A 372 -5.11 21.09 17.24
N LEU A 373 -4.57 20.03 17.85
CA LEU A 373 -5.19 18.71 17.81
C LEU A 373 -6.01 18.40 19.05
N ILE A 374 -5.79 19.13 20.14
CA ILE A 374 -6.41 18.79 21.42
C ILE A 374 -7.92 19.07 21.45
N PRO A 375 -8.47 20.05 20.72
CA PRO A 375 -9.94 20.15 20.73
C PRO A 375 -10.60 19.01 19.98
N LEU A 376 -9.96 18.53 18.92
CA LEU A 376 -10.46 17.35 18.21
C LEU A 376 -10.50 16.15 19.14
N TYR A 377 -9.42 15.95 19.90
CA TYR A 377 -9.37 14.87 20.89
C TYR A 377 -10.43 15.06 21.95
N ALA A 378 -10.61 16.28 22.44
CA ALA A 378 -11.59 16.54 23.49
C ALA A 378 -13.00 16.22 23.00
N VAL A 379 -13.34 16.64 21.78
CA VAL A 379 -14.66 16.34 21.24
C VAL A 379 -14.82 14.83 21.06
N GLY A 380 -13.80 14.18 20.48
CA GLY A 380 -13.87 12.75 20.26
C GLY A 380 -13.99 11.93 21.52
N VAL A 381 -13.48 12.44 22.64
CA VAL A 381 -13.61 11.71 23.90
C VAL A 381 -14.82 12.16 24.72
N PHE A 382 -15.37 13.35 24.44
CA PHE A 382 -16.46 13.87 25.24
C PHE A 382 -17.84 13.59 24.64
N ILE A 383 -17.93 13.35 23.33
CA ILE A 383 -19.17 12.81 22.78
C ILE A 383 -19.50 11.44 23.39
N PRO A 384 -18.57 10.48 23.45
CA PRO A 384 -18.88 9.24 24.18
C PRO A 384 -19.14 9.47 25.65
N PHE A 385 -18.47 10.43 26.29
CA PHE A 385 -18.77 10.74 27.68
C PHE A 385 -20.23 11.16 27.84
N THR A 386 -20.68 12.09 27.00
CA THR A 386 -22.05 12.60 27.09
C THR A 386 -23.06 11.50 26.79
N LEU A 387 -22.82 10.74 25.73
CA LEU A 387 -23.76 9.67 25.37
C LEU A 387 -23.80 8.60 26.46
N SER A 388 -22.65 8.25 27.03
CA SER A 388 -22.61 7.24 28.08
C SER A 388 -23.32 7.70 29.33
N GLN A 389 -23.10 8.94 29.74
CA GLN A 389 -23.77 9.43 30.96
C GLN A 389 -25.27 9.59 30.73
N THR A 390 -25.66 10.04 29.55
CA THR A 390 -27.08 10.10 29.22
C THR A 390 -27.70 8.71 29.22
N GLY A 391 -26.98 7.72 28.70
CA GLY A 391 -27.47 6.35 28.74
C GLY A 391 -27.62 5.82 30.15
N MET A 392 -26.65 6.12 31.00
CA MET A 392 -26.77 5.69 32.40
C MET A 392 -27.96 6.38 33.07
N CYS A 393 -28.18 7.66 32.79
CA CYS A 393 -29.33 8.36 33.32
C CYS A 393 -30.63 7.72 32.86
N MET A 394 -30.72 7.40 31.57
CA MET A 394 -31.95 6.81 31.04
C MET A 394 -32.17 5.40 31.57
N LYS A 395 -31.10 4.63 31.73
CA LYS A 395 -31.22 3.31 32.33
C LYS A 395 -31.69 3.42 33.78
N TRP A 396 -31.20 4.42 34.50
CA TRP A 396 -31.64 4.62 35.87
C TRP A 396 -33.11 4.99 35.93
N ILE A 397 -33.57 5.90 35.07
CA ILE A 397 -34.97 6.31 35.15
C ILE A 397 -35.90 5.20 34.70
N LYS A 398 -35.51 4.42 33.69
CA LYS A 398 -36.34 3.30 33.26
C LYS A 398 -36.42 2.24 34.34
N GLN A 399 -35.30 1.94 35.01
CA GLN A 399 -35.31 1.02 36.13
C GLN A 399 -35.74 1.75 37.40
N LYS A 400 -35.89 1.00 38.49
CA LYS A 400 -36.20 1.56 39.80
C LYS A 400 -35.31 0.92 40.85
N PRO A 401 -34.03 1.27 40.86
CA PRO A 401 -33.10 0.71 41.86
C PRO A 401 -33.24 1.44 43.20
N LYS A 402 -32.52 0.91 44.19
CA LYS A 402 -32.59 1.47 45.54
C LYS A 402 -32.05 2.90 45.58
N GLY A 403 -30.84 3.11 45.08
CA GLY A 403 -30.23 4.42 45.09
C GLY A 403 -30.52 5.20 43.82
N TRP A 404 -31.79 5.30 43.46
CA TRP A 404 -32.17 5.86 42.17
C TRP A 404 -31.82 7.34 42.09
N ILE A 405 -32.13 8.10 43.15
CA ILE A 405 -32.02 9.56 43.08
C ILE A 405 -30.57 10.01 43.02
N GLY A 406 -29.69 9.36 43.79
CA GLY A 406 -28.29 9.76 43.78
C GLY A 406 -27.62 9.50 42.44
N LYS A 407 -27.83 8.31 41.89
CA LYS A 407 -27.27 8.00 40.58
C LYS A 407 -27.86 8.91 39.51
N MET A 408 -29.17 9.15 39.57
CA MET A 408 -29.81 10.15 38.73
C MET A 408 -29.06 11.47 38.75
N LEU A 409 -28.89 12.05 39.95
CA LEU A 409 -28.30 13.37 40.04
C LEU A 409 -26.85 13.38 39.56
N ILE A 410 -26.07 12.38 39.95
CA ILE A 410 -24.65 12.36 39.56
C ILE A 410 -24.52 12.26 38.05
N ASN A 411 -25.23 11.31 37.44
CA ASN A 411 -25.11 11.12 36.00
C ASN A 411 -25.67 12.32 35.24
N SER A 412 -26.76 12.91 35.73
CA SER A 412 -27.31 14.09 35.06
C SER A 412 -26.34 15.26 35.11
N CYS A 413 -25.74 15.50 36.28
CA CYS A 413 -24.77 16.59 36.39
C CYS A 413 -23.57 16.35 35.47
N GLY A 414 -23.06 15.12 35.45
CA GLY A 414 -21.94 14.82 34.58
C GLY A 414 -22.29 14.98 33.11
N ALA A 415 -23.47 14.51 32.72
CA ALA A 415 -23.88 14.64 31.33
C ALA A 415 -24.04 16.09 30.92
N LEU A 416 -24.65 16.91 31.78
CA LEU A 416 -24.80 18.33 31.48
C LEU A 416 -23.44 19.00 31.34
N ILE A 417 -22.52 18.72 32.26
CA ILE A 417 -21.19 19.33 32.18
C ILE A 417 -20.48 18.91 30.90
N SER A 418 -20.53 17.62 30.56
CA SER A 418 -19.86 17.14 29.38
C SER A 418 -20.46 17.74 28.11
N PHE A 419 -21.80 17.83 28.05
CA PHE A 419 -22.45 18.43 26.89
C PHE A 419 -22.06 19.89 26.76
N MET A 420 -22.00 20.60 27.88
CA MET A 420 -21.55 21.99 27.86
C MET A 420 -20.12 22.10 27.35
N VAL A 421 -19.24 21.21 27.80
CA VAL A 421 -17.84 21.23 27.37
C VAL A 421 -17.73 20.99 25.86
N LEU A 422 -18.45 20.00 25.36
CA LEU A 422 -18.34 19.72 23.92
C LEU A 422 -18.99 20.82 23.09
N SER A 423 -20.06 21.44 23.61
CA SER A 423 -20.66 22.57 22.91
C SER A 423 -19.66 23.72 22.81
N ILE A 424 -18.94 24.00 23.90
CA ILE A 424 -17.94 25.06 23.86
C ILE A 424 -16.81 24.71 22.90
N LEU A 425 -16.40 23.44 22.90
CA LEU A 425 -15.38 23.01 21.95
C LEU A 425 -15.84 23.19 20.51
N PHE A 426 -17.13 22.95 20.26
CA PHE A 426 -17.69 23.17 18.93
C PHE A 426 -17.67 24.66 18.57
N VAL A 427 -18.20 25.50 19.45
CA VAL A 427 -18.38 26.92 19.13
C VAL A 427 -17.14 27.75 19.37
N THR A 428 -16.03 27.14 19.77
CA THR A 428 -14.80 27.88 20.04
C THR A 428 -13.68 27.51 19.08
N LYS A 429 -13.40 26.22 18.88
CA LYS A 429 -12.28 25.77 18.07
C LYS A 429 -12.75 25.10 16.79
N PHE A 430 -13.86 25.55 16.22
CA PHE A 430 -14.45 24.86 15.07
C PHE A 430 -13.45 24.74 13.92
N ASN A 431 -12.51 25.68 13.81
CA ASN A 431 -11.51 25.61 12.75
C ASN A 431 -10.62 24.38 12.86
N VAL A 432 -10.60 23.72 14.02
CA VAL A 432 -9.89 22.47 14.19
C VAL A 432 -10.80 21.32 14.61
N VAL A 433 -12.10 21.57 14.78
CA VAL A 433 -13.07 20.53 15.09
C VAL A 433 -13.90 20.12 13.88
N TRP A 434 -13.83 20.87 12.78
CA TRP A 434 -14.53 20.44 11.57
C TRP A 434 -14.16 19.03 11.09
N PRO A 435 -12.98 18.46 11.38
CA PRO A 435 -12.78 17.04 11.07
C PRO A 435 -13.80 16.12 11.71
N VAL A 436 -14.25 16.41 12.93
CA VAL A 436 -15.34 15.61 13.50
C VAL A 436 -16.59 15.75 12.66
N LEU A 437 -16.93 16.97 12.27
CA LEU A 437 -18.15 17.20 11.49
C LEU A 437 -18.09 16.61 10.10
N ILE A 438 -16.91 16.31 9.58
CA ILE A 438 -16.81 15.61 8.30
C ILE A 438 -16.59 14.11 8.47
N PHE A 439 -16.18 13.65 9.66
CA PHE A 439 -15.89 12.23 9.84
C PHE A 439 -17.08 11.47 10.45
N MET A 440 -17.67 11.99 11.51
CA MET A 440 -18.81 11.33 12.13
C MET A 440 -19.94 11.02 11.16
N PRO A 441 -20.38 11.93 10.28
CA PRO A 441 -21.35 11.51 9.27
C PRO A 441 -20.84 10.39 8.40
N ILE A 442 -19.58 10.46 7.94
CA ILE A 442 -19.06 9.42 7.07
C ILE A 442 -18.99 8.08 7.79
N VAL A 443 -18.42 8.07 8.99
CA VAL A 443 -18.22 6.80 9.68
C VAL A 443 -19.55 6.22 10.15
N VAL A 444 -20.49 7.06 10.58
CA VAL A 444 -21.79 6.53 11.01
C VAL A 444 -22.58 6.02 9.81
N LEU A 445 -22.52 6.72 8.68
CA LEU A 445 -23.17 6.21 7.48
C LEU A 445 -22.53 4.92 7.01
N LEU A 446 -21.22 4.78 7.17
CA LEU A 446 -20.55 3.53 6.82
C LEU A 446 -21.00 2.40 7.74
N PHE A 447 -21.11 2.68 9.05
CA PHE A 447 -21.62 1.68 9.98
C PHE A 447 -23.03 1.25 9.60
N PHE A 448 -23.88 2.21 9.25
CA PHE A 448 -25.25 1.87 8.87
C PHE A 448 -25.30 1.13 7.54
N ALA A 449 -24.42 1.45 6.60
CA ALA A 449 -24.35 0.71 5.35
C ALA A 449 -23.96 -0.74 5.61
N ILE A 450 -22.98 -0.96 6.49
CA ILE A 450 -22.59 -2.32 6.83
C ILE A 450 -23.75 -3.05 7.50
N LYS A 451 -24.45 -2.37 8.42
CA LYS A 451 -25.57 -3.02 9.08
C LYS A 451 -26.66 -3.40 8.10
N ASN A 452 -26.98 -2.49 7.17
CA ASN A 452 -28.00 -2.79 6.15
C ASN A 452 -27.56 -3.95 5.28
N HIS A 453 -26.29 -3.97 4.87
CA HIS A 453 -25.80 -5.06 4.04
C HIS A 453 -25.88 -6.39 4.76
N TYR A 454 -25.50 -6.42 6.05
CA TYR A 454 -25.56 -7.67 6.79
C TYR A 454 -26.99 -8.11 7.04
N THR A 455 -27.92 -7.17 7.26
CA THR A 455 -29.32 -7.56 7.41
C THR A 455 -29.87 -8.12 6.11
N ALA A 456 -29.52 -7.51 4.97
CA ALA A 456 -29.96 -8.04 3.68
C ALA A 456 -29.40 -9.43 3.44
N VAL A 457 -28.12 -9.63 3.77
CA VAL A 457 -27.51 -10.94 3.60
C VAL A 457 -28.20 -11.97 4.50
N GLY A 458 -28.48 -11.59 5.75
CA GLY A 458 -29.21 -12.50 6.62
C GLY A 458 -30.58 -12.85 6.09
N GLU A 459 -31.29 -11.87 5.53
CA GLU A 459 -32.60 -12.14 4.96
C GLU A 459 -32.49 -13.09 3.76
N GLN A 460 -31.49 -12.90 2.92
CA GLN A 460 -31.33 -13.72 1.73
C GLN A 460 -30.61 -15.03 1.99
N LEU A 461 -30.15 -15.28 3.22
CA LEU A 461 -29.40 -16.49 3.53
C LEU A 461 -30.02 -17.35 4.61
N ARG A 462 -30.61 -16.76 5.65
CA ARG A 462 -31.20 -17.57 6.72
C ARG A 462 -32.26 -18.51 6.19
N ILE A 463 -32.98 -18.11 5.14
CA ILE A 463 -34.10 -18.88 4.60
C ILE A 463 -33.51 -20.02 3.78
N VAL A 464 -33.44 -21.21 4.38
CA VAL A 464 -33.05 -22.40 3.64
C VAL A 464 -34.18 -22.77 2.68
N ASP A 465 -33.81 -23.06 1.43
CA ASP A 465 -34.78 -23.32 0.38
C ASP A 465 -34.60 -24.75 -0.13
N LYS A 466 -35.29 -25.07 -1.22
CA LYS A 466 -35.16 -26.39 -1.83
C LYS A 466 -33.71 -26.66 -2.23
N GLU A 467 -33.24 -27.87 -1.95
CA GLU A 467 -31.87 -28.23 -2.28
C GLU A 467 -31.66 -28.20 -3.79
N PRO A 468 -30.44 -27.89 -4.24
CA PRO A 468 -30.16 -27.91 -5.68
C PRO A 468 -30.26 -29.32 -6.24
N GLU A 469 -30.24 -29.39 -7.57
CA GLU A 469 -30.29 -30.66 -8.26
C GLU A 469 -29.07 -31.51 -7.91
N GLU A 470 -29.29 -32.83 -7.86
CA GLU A 470 -28.24 -33.76 -7.45
C GLU A 470 -27.13 -33.83 -8.49
N ILE A 471 -25.89 -33.74 -8.04
CA ILE A 471 -24.72 -33.78 -8.91
C ILE A 471 -24.36 -35.24 -9.16
N LYS A 472 -24.12 -35.59 -10.43
CA LYS A 472 -23.77 -36.95 -10.80
C LYS A 472 -22.29 -37.12 -11.12
N GLY A 473 -21.45 -36.18 -10.70
CA GLY A 473 -20.03 -36.31 -10.92
C GLY A 473 -19.38 -34.99 -11.25
N THR A 474 -18.04 -34.96 -11.31
CA THR A 474 -17.31 -33.71 -11.52
C THR A 474 -16.24 -33.90 -12.57
N VAL A 475 -16.00 -32.85 -13.35
CA VAL A 475 -14.85 -32.77 -14.25
C VAL A 475 -13.85 -31.80 -13.64
N VAL A 476 -12.60 -32.21 -13.57
CA VAL A 476 -11.55 -31.41 -12.94
C VAL A 476 -10.61 -30.94 -14.04
N ILE A 477 -10.71 -29.65 -14.39
CA ILE A 477 -9.70 -29.03 -15.23
C ILE A 477 -8.46 -28.78 -14.40
N VAL A 478 -7.32 -29.29 -14.86
CA VAL A 478 -6.06 -29.15 -14.13
C VAL A 478 -5.07 -28.46 -15.05
N PRO A 479 -5.05 -27.13 -15.10
CA PRO A 479 -4.14 -26.43 -16.00
C PRO A 479 -2.69 -26.76 -15.68
N VAL A 480 -1.87 -26.87 -16.72
CA VAL A 480 -0.49 -27.29 -16.59
C VAL A 480 0.39 -26.31 -17.36
N ALA A 481 1.50 -25.92 -16.74
CA ALA A 481 2.51 -25.10 -17.40
C ALA A 481 3.55 -25.98 -18.07
N GLY A 482 4.21 -26.81 -17.29
CA GLY A 482 5.09 -27.82 -17.84
C GLY A 482 5.07 -29.02 -16.92
N VAL A 483 5.18 -30.21 -17.51
CA VAL A 483 5.08 -31.43 -16.72
C VAL A 483 6.22 -31.46 -15.71
N THR A 484 5.87 -31.44 -14.43
CA THR A 484 6.83 -31.44 -13.34
C THR A 484 6.29 -32.39 -12.27
N THR A 485 6.95 -32.40 -11.10
CA THR A 485 6.41 -33.14 -9.97
C THR A 485 5.13 -32.50 -9.47
N VAL A 486 5.03 -31.17 -9.57
CA VAL A 486 3.83 -30.47 -9.12
C VAL A 486 2.62 -30.87 -9.96
N VAL A 487 2.79 -30.91 -11.28
CA VAL A 487 1.72 -31.35 -12.15
C VAL A 487 1.37 -32.81 -11.88
N GLN A 488 2.38 -33.66 -11.68
CA GLN A 488 2.11 -35.06 -11.41
C GLN A 488 1.29 -35.22 -10.13
N LYS A 489 1.66 -34.50 -9.08
CA LYS A 489 0.92 -34.57 -7.83
C LYS A 489 -0.50 -34.04 -7.97
N SER A 490 -0.66 -32.91 -8.65
CA SER A 490 -1.99 -32.33 -8.81
C SER A 490 -2.89 -33.24 -9.62
N ILE A 491 -2.37 -33.84 -10.69
CA ILE A 491 -3.20 -34.74 -11.49
C ILE A 491 -3.47 -36.04 -10.76
N HIS A 492 -2.53 -36.51 -9.93
CA HIS A 492 -2.83 -37.66 -9.09
C HIS A 492 -4.00 -37.37 -8.16
N TYR A 493 -3.98 -36.20 -7.53
CA TYR A 493 -5.08 -35.84 -6.64
C TYR A 493 -6.39 -35.66 -7.40
N ALA A 494 -6.31 -35.08 -8.60
CA ALA A 494 -7.51 -34.91 -9.41
C ALA A 494 -8.11 -36.25 -9.79
N LYS A 495 -7.27 -37.21 -10.19
CA LYS A 495 -7.76 -38.55 -10.47
C LYS A 495 -8.36 -39.17 -9.21
N SER A 496 -7.80 -38.85 -8.04
CA SER A 496 -8.37 -39.33 -6.80
C SER A 496 -9.77 -38.78 -6.59
N LEU A 497 -9.99 -37.49 -6.89
CA LEU A 497 -11.29 -36.88 -6.63
C LEU A 497 -12.36 -37.45 -7.56
N SER A 498 -12.07 -37.50 -8.85
CA SER A 498 -13.06 -37.92 -9.84
C SER A 498 -12.34 -38.24 -11.15
N ASP A 499 -13.10 -38.72 -12.11
CA ASP A 499 -12.58 -39.00 -13.44
C ASP A 499 -12.78 -37.77 -14.33
N GLN A 500 -12.56 -37.95 -15.63
CA GLN A 500 -12.60 -36.85 -16.60
C GLN A 500 -11.64 -35.73 -16.20
N VAL A 501 -10.45 -36.13 -15.78
CA VAL A 501 -9.41 -35.18 -15.39
C VAL A 501 -8.88 -34.54 -16.67
N ILE A 502 -9.38 -33.36 -17.01
CA ILE A 502 -9.01 -32.69 -18.25
C ILE A 502 -7.84 -31.76 -17.93
N ALA A 503 -6.65 -32.11 -18.41
CA ALA A 503 -5.53 -31.19 -18.30
C ALA A 503 -5.52 -30.26 -19.50
N VAL A 504 -5.15 -29.00 -19.27
CA VAL A 504 -5.09 -28.03 -20.35
C VAL A 504 -3.77 -27.28 -20.28
N HIS A 505 -3.21 -26.98 -21.45
CA HIS A 505 -1.97 -26.23 -21.55
C HIS A 505 -2.19 -25.14 -22.59
N VAL A 506 -2.14 -23.89 -22.16
CA VAL A 506 -2.29 -22.78 -23.10
C VAL A 506 -0.91 -22.44 -23.64
N SER A 507 -0.52 -23.11 -24.72
CA SER A 507 0.80 -22.91 -25.29
C SER A 507 0.90 -21.57 -25.99
N PHE A 508 2.11 -21.02 -26.01
CA PHE A 508 2.40 -19.77 -26.70
C PHE A 508 3.21 -19.99 -27.97
N ASP A 509 3.55 -21.23 -28.31
CA ASP A 509 4.34 -21.56 -29.48
C ASP A 509 3.92 -22.92 -30.01
N ARG A 510 3.81 -23.04 -31.33
CA ARG A 510 3.32 -24.28 -31.92
C ARG A 510 4.31 -25.42 -31.72
N GLU A 511 5.59 -25.18 -32.00
CA GLU A 511 6.59 -26.23 -31.85
C GLU A 511 6.75 -26.61 -30.38
N GLN A 512 6.73 -25.62 -29.49
CA GLN A 512 6.77 -25.92 -28.07
C GLN A 512 5.52 -26.71 -27.65
N GLU A 513 4.38 -26.40 -28.26
CA GLU A 513 3.16 -27.17 -28.00
C GLU A 513 3.35 -28.63 -28.38
N LYS A 514 3.91 -28.87 -29.57
CA LYS A 514 4.14 -30.24 -30.01
C LYS A 514 5.11 -30.96 -29.09
N LYS A 515 6.18 -30.28 -28.67
CA LYS A 515 7.15 -30.90 -27.77
C LYS A 515 6.49 -31.24 -26.43
N PHE A 516 5.67 -30.33 -25.90
CA PHE A 516 4.99 -30.59 -24.63
C PHE A 516 4.02 -31.75 -24.76
N GLU A 517 3.28 -31.82 -25.87
CA GLU A 517 2.36 -32.95 -26.06
C GLU A 517 3.11 -34.27 -26.17
N LYS A 518 4.26 -34.26 -26.85
CA LYS A 518 5.08 -35.47 -26.92
C LYS A 518 5.57 -35.88 -25.54
N ARG A 519 6.04 -34.91 -24.74
CA ARG A 519 6.50 -35.24 -23.39
C ARG A 519 5.35 -35.73 -22.52
N TRP A 520 4.13 -35.24 -22.77
CA TRP A 520 2.97 -35.74 -22.04
C TRP A 520 2.67 -37.18 -22.43
N GLU A 521 2.68 -37.47 -23.73
CA GLU A 521 2.49 -38.85 -24.17
C GLU A 521 3.56 -39.77 -23.60
N GLU A 522 4.76 -39.22 -23.37
CA GLU A 522 5.78 -39.99 -22.65
C GLU A 522 5.35 -40.25 -21.21
N LEU A 523 4.68 -39.29 -20.58
CA LEU A 523 4.22 -39.45 -19.22
C LEU A 523 3.12 -40.52 -19.16
N ASN A 524 3.03 -41.19 -18.01
CA ASN A 524 2.18 -42.35 -17.86
C ASN A 524 0.75 -42.02 -17.40
N ASN A 525 0.48 -40.77 -17.04
CA ASN A 525 -0.86 -40.43 -16.56
C ASN A 525 -1.87 -40.51 -17.69
N GLY A 526 -2.97 -41.21 -17.45
CA GLY A 526 -4.00 -41.38 -18.45
C GLY A 526 -5.09 -40.33 -18.36
N VAL A 527 -4.73 -39.07 -18.57
CA VAL A 527 -5.67 -37.97 -18.54
C VAL A 527 -5.58 -37.23 -19.87
N ARG A 528 -6.74 -36.89 -20.42
CA ARG A 528 -6.76 -36.19 -21.70
C ARG A 528 -6.25 -34.77 -21.54
N LEU A 529 -5.36 -34.37 -22.44
CA LEU A 529 -4.72 -33.05 -22.38
C LEU A 529 -5.09 -32.27 -23.63
N VAL A 530 -5.43 -31.00 -23.45
CA VAL A 530 -5.83 -30.12 -24.52
C VAL A 530 -4.82 -28.99 -24.61
N THR A 531 -4.16 -28.86 -25.75
CA THR A 531 -3.23 -27.77 -26.00
C THR A 531 -3.99 -26.67 -26.74
N LEU A 532 -4.17 -25.54 -26.09
CA LEU A 532 -4.81 -24.38 -26.71
C LEU A 532 -3.72 -23.42 -27.17
N HIS A 533 -3.76 -23.05 -28.44
CA HIS A 533 -2.77 -22.12 -28.96
C HIS A 533 -3.26 -20.69 -28.82
N SER A 534 -2.45 -19.86 -28.19
CA SER A 534 -2.73 -18.43 -28.08
C SER A 534 -1.76 -17.69 -29.01
N SER A 535 -2.32 -16.93 -29.96
CA SER A 535 -1.49 -16.27 -30.95
C SER A 535 -0.53 -15.28 -30.28
N TYR A 536 -1.03 -14.50 -29.34
CA TYR A 536 -0.20 -13.63 -28.52
C TYR A 536 -0.12 -14.18 -27.10
N ARG A 537 0.78 -13.60 -26.31
CA ARG A 537 1.10 -14.13 -25.00
C ARG A 537 -0.07 -13.85 -24.06
N SER A 538 -1.10 -14.69 -24.14
CA SER A 538 -2.28 -14.55 -23.32
C SER A 538 -2.56 -15.86 -22.60
N LEU A 539 -3.33 -15.75 -21.52
CA LEU A 539 -3.66 -16.91 -20.71
C LEU A 539 -5.13 -16.96 -20.31
N VAL A 540 -5.88 -15.89 -20.48
CA VAL A 540 -7.28 -15.84 -20.05
C VAL A 540 -8.22 -16.18 -21.19
N HIS A 541 -8.10 -15.50 -22.33
CA HIS A 541 -9.08 -15.65 -23.40
C HIS A 541 -9.15 -17.07 -23.95
N PRO A 542 -8.04 -17.71 -24.35
CA PRO A 542 -8.17 -19.12 -24.75
C PRO A 542 -8.73 -19.98 -23.64
N PHE A 543 -8.29 -19.70 -22.41
CA PHE A 543 -8.73 -20.51 -21.29
C PHE A 543 -10.21 -20.31 -21.00
N ASP A 544 -10.71 -19.08 -21.09
CA ASP A 544 -12.13 -18.90 -20.81
C ASP A 544 -13.01 -19.39 -21.94
N LYS A 545 -12.51 -19.38 -23.19
CA LYS A 545 -13.26 -20.03 -24.26
C LYS A 545 -13.38 -21.53 -24.01
N PHE A 546 -12.25 -22.19 -23.71
CA PHE A 546 -12.31 -23.60 -23.36
C PHE A 546 -13.20 -23.83 -22.15
N LEU A 547 -13.17 -22.90 -21.20
CA LEU A 547 -13.98 -23.03 -19.99
C LEU A 547 -15.46 -22.98 -20.32
N GLU A 548 -15.86 -22.06 -21.20
CA GLU A 548 -17.24 -21.99 -21.62
C GLU A 548 -17.67 -23.30 -22.27
N THR A 549 -16.84 -23.83 -23.17
CA THR A 549 -17.19 -25.07 -23.84
C THR A 549 -17.32 -26.22 -22.85
N VAL A 550 -16.35 -26.34 -21.92
CA VAL A 550 -16.36 -27.48 -21.00
C VAL A 550 -17.48 -27.33 -19.98
N GLU A 551 -17.82 -26.10 -19.58
CA GLU A 551 -18.93 -25.92 -18.66
C GLU A 551 -20.26 -26.25 -19.32
N ALA A 552 -20.43 -25.86 -20.60
CA ALA A 552 -21.63 -26.24 -21.32
C ALA A 552 -21.74 -27.75 -21.44
N LYS A 553 -20.63 -28.42 -21.76
CA LYS A 553 -20.65 -29.88 -21.85
C LYS A 553 -20.97 -30.51 -20.51
N ALA A 554 -20.38 -30.00 -19.42
CA ALA A 554 -20.63 -30.56 -18.11
C ALA A 554 -22.09 -30.37 -17.70
N LYS A 555 -22.65 -29.19 -17.96
CA LYS A 555 -24.05 -28.95 -17.63
C LYS A 555 -24.97 -29.87 -18.43
N LYS A 556 -24.65 -30.07 -19.72
CA LYS A 556 -25.45 -31.00 -20.52
C LYS A 556 -25.35 -32.42 -19.98
N GLU A 557 -24.15 -32.84 -19.57
CA GLU A 557 -23.98 -34.12 -18.92
C GLU A 557 -24.25 -34.06 -17.43
N GLN A 558 -24.60 -32.88 -16.91
CA GLN A 558 -24.91 -32.65 -15.50
C GLN A 558 -23.72 -33.01 -14.61
N PHE A 559 -22.65 -32.24 -14.78
CA PHE A 559 -21.45 -32.35 -13.98
C PHE A 559 -21.10 -30.98 -13.41
N SER A 560 -20.35 -30.97 -12.31
CA SER A 560 -19.92 -29.74 -11.67
C SER A 560 -18.46 -29.48 -12.00
N VAL A 561 -18.17 -28.34 -12.61
CA VAL A 561 -16.83 -28.01 -13.06
C VAL A 561 -15.97 -27.66 -11.86
N MET A 562 -14.77 -28.21 -11.81
CA MET A 562 -13.83 -27.94 -10.74
C MET A 562 -12.45 -27.73 -11.34
N VAL A 563 -11.62 -26.91 -10.69
CA VAL A 563 -10.31 -26.57 -11.19
C VAL A 563 -9.28 -26.76 -10.09
N LEU A 564 -8.09 -27.21 -10.45
CA LEU A 564 -6.99 -27.37 -9.51
C LEU A 564 -5.87 -26.41 -9.86
N PHE A 565 -5.38 -25.69 -8.86
CA PHE A 565 -4.31 -24.71 -9.02
C PHE A 565 -3.26 -24.95 -7.95
N PRO A 566 -2.29 -25.79 -8.22
CA PRO A 566 -1.29 -26.10 -7.19
C PRO A 566 -0.54 -24.86 -6.75
N GLN A 567 -0.70 -24.47 -5.48
CA GLN A 567 -0.03 -23.30 -4.94
C GLN A 567 1.37 -23.69 -4.51
N PHE A 568 2.35 -23.36 -5.33
CA PHE A 568 3.76 -23.65 -5.04
C PHE A 568 4.22 -22.73 -3.92
N ILE A 569 4.54 -23.31 -2.77
CA ILE A 569 4.92 -22.55 -1.58
C ILE A 569 6.38 -22.85 -1.27
N THR A 570 7.18 -21.80 -1.16
CA THR A 570 8.58 -21.92 -0.79
C THR A 570 8.85 -21.09 0.45
N LYS A 571 9.57 -21.67 1.41
CA LYS A 571 9.79 -21.05 2.72
C LYS A 571 10.85 -19.95 2.61
N LYS A 572 10.47 -18.87 1.91
CA LYS A 572 11.35 -17.73 1.77
C LYS A 572 10.65 -16.39 1.92
N ARG A 573 9.32 -16.33 1.90
CA ARG A 573 8.50 -15.16 2.17
C ARG A 573 8.62 -14.06 1.12
N TRP A 574 9.49 -14.21 0.13
CA TRP A 574 9.53 -13.28 -0.98
C TRP A 574 9.45 -13.99 -2.33
N HIS A 575 9.34 -15.32 -2.34
CA HIS A 575 9.13 -16.05 -3.58
C HIS A 575 7.67 -16.06 -4.01
N THR A 576 6.76 -15.57 -3.17
CA THR A 576 5.35 -15.56 -3.53
C THR A 576 5.11 -14.67 -4.74
N ILE A 577 5.93 -13.64 -4.94
CA ILE A 577 5.82 -12.84 -6.15
C ILE A 577 6.26 -13.64 -7.36
N LEU A 578 7.28 -14.50 -7.19
CA LEU A 578 7.78 -15.27 -8.32
C LEU A 578 6.82 -16.40 -8.67
N HIS A 579 6.61 -17.32 -7.73
CA HIS A 579 5.89 -18.56 -8.01
C HIS A 579 4.39 -18.36 -7.92
N ASN A 580 3.67 -19.25 -8.61
CA ASN A 580 2.20 -19.35 -8.58
C ASN A 580 1.50 -18.00 -8.63
N GLN A 581 2.11 -17.02 -9.30
CA GLN A 581 1.46 -15.74 -9.51
C GLN A 581 0.70 -15.69 -10.82
N SER A 582 0.78 -16.73 -11.63
CA SER A 582 -0.03 -16.85 -12.83
C SER A 582 -1.33 -17.59 -12.57
N ALA A 583 -1.53 -18.11 -11.36
CA ALA A 583 -2.78 -18.78 -11.00
C ALA A 583 -3.76 -17.82 -10.32
N PHE A 584 -3.25 -16.91 -9.49
CA PHE A 584 -4.11 -15.87 -8.95
C PHE A 584 -4.77 -15.07 -10.07
N LEU A 585 -4.05 -14.91 -11.18
CA LEU A 585 -4.65 -14.34 -12.38
C LEU A 585 -5.90 -15.09 -12.80
N LEU A 586 -5.79 -16.42 -12.93
CA LEU A 586 -6.92 -17.20 -13.40
C LEU A 586 -8.08 -17.14 -12.41
N ARG A 587 -7.78 -17.29 -11.11
CA ARG A 587 -8.84 -17.26 -10.10
C ARG A 587 -9.57 -15.93 -10.11
N VAL A 588 -8.83 -14.82 -10.15
CA VAL A 588 -9.49 -13.52 -10.11
C VAL A 588 -10.22 -13.24 -11.42
N ARG A 589 -9.71 -13.72 -12.54
CA ARG A 589 -10.25 -13.27 -13.82
C ARG A 589 -11.40 -14.14 -14.33
N LEU A 590 -11.25 -15.47 -14.34
CA LEU A 590 -12.26 -16.30 -14.98
C LEU A 590 -12.71 -17.48 -14.14
N PHE A 591 -12.45 -17.49 -12.84
CA PHE A 591 -12.86 -18.61 -12.00
C PHE A 591 -13.56 -18.20 -10.72
N TRP A 592 -13.72 -16.90 -10.48
CA TRP A 592 -14.60 -16.40 -9.44
C TRP A 592 -15.77 -15.63 -10.03
N LYS A 593 -16.05 -15.84 -11.32
CA LYS A 593 -17.21 -15.27 -11.99
C LYS A 593 -18.03 -16.34 -12.68
N LYS A 594 -17.69 -17.62 -12.49
CA LYS A 594 -18.32 -18.71 -13.21
C LYS A 594 -18.99 -19.73 -12.32
N ASP A 595 -18.96 -19.55 -11.00
CA ASP A 595 -19.47 -20.53 -10.04
C ASP A 595 -18.81 -21.89 -10.25
N ILE A 596 -17.48 -21.88 -10.21
CA ILE A 596 -16.68 -23.06 -10.46
C ILE A 596 -15.74 -23.27 -9.28
N MET A 597 -15.78 -24.46 -8.70
CA MET A 597 -14.90 -24.78 -7.59
C MET A 597 -13.45 -24.66 -8.03
N VAL A 598 -12.62 -24.01 -7.22
CA VAL A 598 -11.24 -23.71 -7.58
C VAL A 598 -10.36 -24.17 -6.42
N ALA A 599 -9.92 -25.41 -6.47
CA ALA A 599 -9.14 -25.98 -5.38
C ALA A 599 -7.66 -25.74 -5.59
N THR A 600 -6.94 -25.49 -4.50
CA THR A 600 -5.52 -25.20 -4.53
C THR A 600 -4.77 -26.27 -3.74
N LEU A 601 -3.75 -26.86 -4.35
CA LEU A 601 -2.97 -27.90 -3.70
C LEU A 601 -1.68 -27.31 -3.19
N PRO A 602 -1.47 -27.21 -1.88
CA PRO A 602 -0.24 -26.61 -1.38
C PRO A 602 0.97 -27.51 -1.55
N TYR A 603 1.58 -27.47 -2.73
CA TYR A 603 2.83 -28.18 -2.99
C TYR A 603 3.95 -27.40 -2.31
N HIS A 604 4.50 -27.95 -1.23
CA HIS A 604 5.60 -27.30 -0.56
C HIS A 604 6.90 -27.57 -1.30
N PHE A 605 7.88 -26.70 -1.07
CA PHE A 605 9.17 -26.77 -1.73
C PHE A 605 10.27 -27.10 -0.72
N LYS A 606 11.22 -27.91 -1.15
CA LYS A 606 12.33 -28.31 -0.29
C LYS A 606 13.63 -28.43 -1.08
N LEU B 30 5.16 6.45 -36.30
CA LEU B 30 6.38 6.58 -35.52
C LEU B 30 6.11 7.31 -34.21
N ALA B 31 5.04 8.11 -34.20
CA ALA B 31 4.80 9.02 -33.09
C ALA B 31 4.74 8.29 -31.76
N MET B 32 3.94 7.23 -31.68
CA MET B 32 3.75 6.50 -30.43
C MET B 32 5.06 5.92 -29.90
N LEU B 33 6.04 5.72 -30.76
CA LEU B 33 7.35 5.24 -30.35
C LEU B 33 8.42 6.33 -30.33
N SER B 34 8.27 7.36 -31.15
CA SER B 34 9.24 8.44 -31.21
C SER B 34 8.96 9.55 -30.22
N SER B 35 7.95 9.38 -29.37
CA SER B 35 7.66 10.37 -28.33
C SER B 35 8.91 10.71 -27.51
N ASP B 36 9.63 9.69 -27.05
CA ASP B 36 10.77 9.91 -26.17
C ASP B 36 11.83 10.78 -26.84
N ALA B 37 12.29 10.36 -28.02
CA ALA B 37 13.38 11.07 -28.68
C ALA B 37 12.95 12.46 -29.12
N LEU B 38 11.73 12.60 -29.64
CA LEU B 38 11.29 13.92 -30.08
C LEU B 38 11.07 14.86 -28.91
N SER B 39 10.71 14.34 -27.75
CA SER B 39 10.56 15.19 -26.58
C SER B 39 11.88 15.49 -25.90
N SER B 40 12.94 14.74 -26.24
CA SER B 40 14.24 15.03 -25.63
C SER B 40 14.78 16.42 -25.96
N VAL B 41 14.31 17.04 -27.06
CA VAL B 41 14.81 18.36 -27.44
C VAL B 41 14.35 19.46 -26.50
N ALA B 42 13.32 19.22 -25.69
CA ALA B 42 12.87 20.21 -24.73
C ALA B 42 13.89 20.44 -23.61
N TYR B 43 14.88 19.56 -23.47
CA TYR B 43 15.89 19.68 -22.45
C TYR B 43 17.32 19.40 -22.90
N GLY B 44 17.53 18.88 -24.10
CA GLY B 44 18.91 18.65 -24.55
C GLY B 44 19.72 19.93 -24.64
N THR B 45 19.20 20.92 -25.35
CA THR B 45 19.91 22.19 -25.46
C THR B 45 20.01 22.90 -24.12
N GLU B 46 18.99 22.77 -23.27
CA GLU B 46 19.06 23.35 -21.94
C GLU B 46 20.21 22.75 -21.14
N GLN B 47 20.39 21.42 -21.22
CA GLN B 47 21.50 20.79 -20.53
C GLN B 47 22.84 21.25 -21.09
N ILE B 48 22.93 21.34 -22.43
CA ILE B 48 24.18 21.82 -23.04
C ILE B 48 24.52 23.22 -22.51
N LEU B 49 23.53 24.11 -22.49
CA LEU B 49 23.79 25.48 -22.07
C LEU B 49 24.09 25.56 -20.58
N ILE B 50 23.45 24.72 -19.76
CA ILE B 50 23.76 24.71 -18.34
C ILE B 50 25.20 24.31 -18.10
N ILE B 51 25.66 23.25 -18.79
CA ILE B 51 27.04 22.84 -18.62
C ILE B 51 28.00 23.90 -19.17
N LEU B 52 27.61 24.57 -20.25
CA LEU B 52 28.45 25.62 -20.80
C LEU B 52 28.29 26.96 -20.09
N ALA B 53 27.34 27.08 -19.17
CA ALA B 53 27.15 28.30 -18.41
C ALA B 53 28.09 28.42 -17.21
N THR B 54 28.79 27.35 -16.86
CA THR B 54 29.73 27.45 -15.74
C THR B 54 30.98 28.24 -16.12
N ILE B 55 31.31 28.29 -17.40
CA ILE B 55 32.44 29.11 -17.84
C ILE B 55 32.04 30.57 -17.93
N SER B 56 31.10 30.89 -18.83
CA SER B 56 30.62 32.24 -19.06
C SER B 56 29.50 32.16 -20.08
N ALA B 57 28.75 33.27 -20.20
CA ALA B 57 27.72 33.34 -21.24
C ALA B 57 28.35 33.33 -22.62
N ALA B 58 29.49 34.00 -22.79
CA ALA B 58 30.15 34.04 -24.09
C ALA B 58 30.59 32.67 -24.56
N ALA B 59 30.66 31.69 -23.67
CA ALA B 59 31.00 30.32 -24.04
C ALA B 59 29.87 29.64 -24.81
N PHE B 60 28.69 30.26 -24.90
CA PHE B 60 27.57 29.62 -25.59
C PHE B 60 27.87 29.38 -27.06
N TRP B 61 28.86 30.07 -27.62
CA TRP B 61 29.33 29.76 -28.97
C TRP B 61 29.62 28.28 -29.12
N TYR B 62 30.28 27.69 -28.13
CA TYR B 62 30.65 26.29 -28.19
C TYR B 62 29.45 25.37 -28.19
N SER B 63 28.26 25.88 -27.88
CA SER B 63 27.05 25.07 -28.00
C SER B 63 26.72 24.74 -29.46
N ILE B 64 27.29 25.46 -30.42
CA ILE B 64 27.02 25.17 -31.82
C ILE B 64 27.80 23.94 -32.29
N PRO B 65 29.12 23.85 -32.10
CA PRO B 65 29.80 22.63 -32.54
C PRO B 65 29.39 21.39 -31.76
N ILE B 66 29.33 21.49 -30.43
CA ILE B 66 28.97 20.32 -29.62
C ILE B 66 27.68 19.69 -30.12
N ALA B 67 26.69 20.53 -30.41
CA ALA B 67 25.42 20.02 -30.93
C ALA B 67 25.63 19.14 -32.14
N VAL B 68 26.34 19.65 -33.15
CA VAL B 68 26.52 18.82 -34.34
C VAL B 68 27.37 17.60 -34.00
N GLY B 69 28.32 17.77 -33.07
CA GLY B 69 29.05 16.61 -32.58
C GLY B 69 28.11 15.56 -32.01
N VAL B 70 27.15 15.99 -31.19
CA VAL B 70 26.14 15.06 -30.71
C VAL B 70 25.42 14.41 -31.88
N LEU B 71 25.06 15.22 -32.88
CA LEU B 71 24.42 14.69 -34.07
C LEU B 71 25.27 13.59 -34.69
N ILE B 72 26.58 13.79 -34.73
CA ILE B 72 27.46 12.76 -35.28
C ILE B 72 27.25 11.46 -34.53
N LEU B 73 27.31 11.51 -33.20
CA LEU B 73 27.04 10.31 -32.41
C LEU B 73 25.67 9.76 -32.76
N LEU B 74 24.68 10.65 -32.84
CA LEU B 74 23.33 10.23 -33.20
C LEU B 74 23.37 9.40 -34.48
N LEU B 75 24.07 9.91 -35.50
CA LEU B 75 24.21 9.17 -36.75
C LEU B 75 24.62 7.74 -36.45
N ALA B 76 25.75 7.56 -35.77
CA ALA B 76 26.23 6.21 -35.46
C ALA B 76 25.14 5.42 -34.78
N LEU B 77 24.56 5.97 -33.71
CA LEU B 77 23.51 5.26 -32.99
C LEU B 77 22.41 4.83 -33.94
N ILE B 78 21.89 5.79 -34.72
CA ILE B 78 20.87 5.45 -35.72
C ILE B 78 21.36 4.29 -36.57
N LEU B 79 22.50 4.49 -37.24
CA LEU B 79 23.05 3.44 -38.08
C LEU B 79 23.16 2.15 -37.30
N SER B 80 23.77 2.23 -36.10
CA SER B 80 23.94 1.03 -35.30
C SER B 80 22.60 0.36 -35.05
N TYR B 81 21.63 1.11 -34.55
CA TYR B 81 20.35 0.48 -34.27
C TYR B 81 19.63 0.06 -35.53
N ARG B 82 19.86 0.74 -36.67
CA ARG B 82 19.29 0.22 -37.91
C ARG B 82 19.69 -1.24 -38.07
N GLN B 83 20.98 -1.52 -37.88
CA GLN B 83 21.49 -2.88 -38.02
C GLN B 83 20.75 -3.83 -37.09
N ILE B 84 20.43 -3.36 -35.88
CA ILE B 84 19.73 -4.21 -34.92
C ILE B 84 18.37 -4.62 -35.44
N ILE B 85 17.61 -3.68 -36.00
CA ILE B 85 16.32 -4.08 -36.58
C ILE B 85 16.56 -5.04 -37.74
N TYR B 86 17.65 -4.85 -38.48
CA TYR B 86 18.00 -5.82 -39.50
C TYR B 86 18.47 -7.13 -38.87
N ALA B 87 19.17 -7.04 -37.73
CA ALA B 87 19.73 -8.24 -37.12
C ALA B 87 18.68 -9.06 -36.41
N TYR B 88 17.73 -8.41 -35.73
CA TYR B 88 16.75 -9.09 -34.89
C TYR B 88 15.34 -8.64 -35.24
N PRO B 89 14.74 -9.22 -36.28
CA PRO B 89 13.34 -8.89 -36.59
C PRO B 89 12.39 -9.14 -35.43
N GLN B 90 12.68 -10.13 -34.59
CA GLN B 90 11.81 -10.41 -33.45
C GLN B 90 11.73 -9.24 -32.47
N GLY B 91 12.73 -8.37 -32.47
CA GLY B 91 12.72 -7.23 -31.58
C GLY B 91 13.48 -7.52 -30.29
N GLY B 92 14.70 -7.00 -30.18
CA GLY B 92 15.51 -7.27 -29.02
C GLY B 92 15.95 -6.02 -28.30
N GLY B 93 16.01 -4.91 -29.02
CA GLY B 93 16.47 -3.67 -28.42
C GLY B 93 17.92 -3.80 -28.00
N ALA B 94 18.22 -3.39 -26.77
CA ALA B 94 19.58 -3.39 -26.25
C ALA B 94 19.81 -4.49 -25.24
N TYR B 95 18.90 -5.45 -25.11
CA TYR B 95 19.07 -6.57 -24.20
C TYR B 95 19.42 -7.87 -24.90
N ILE B 96 18.60 -8.28 -25.88
CA ILE B 96 18.91 -9.50 -26.63
C ILE B 96 20.25 -9.37 -27.33
N VAL B 97 20.53 -8.20 -27.89
CA VAL B 97 21.82 -7.95 -28.51
C VAL B 97 22.93 -8.06 -27.48
N SER B 98 22.70 -7.54 -26.29
CA SER B 98 23.71 -7.53 -25.24
C SER B 98 23.75 -8.82 -24.43
N LYS B 99 22.87 -9.79 -24.72
CA LYS B 99 22.91 -11.08 -24.05
C LYS B 99 23.38 -12.20 -24.96
N GLU B 100 22.85 -12.27 -26.18
CA GLU B 100 23.25 -13.32 -27.11
C GLU B 100 24.67 -13.15 -27.63
N ASN B 101 25.30 -12.00 -27.40
CA ASN B 101 26.62 -11.70 -27.95
C ASN B 101 27.73 -11.66 -26.92
N LEU B 102 27.50 -11.06 -25.76
CA LEU B 102 28.54 -11.02 -24.73
C LEU B 102 28.44 -12.18 -23.75
N GLY B 103 27.31 -12.27 -23.05
CA GLY B 103 27.14 -13.33 -22.07
C GLY B 103 26.09 -12.95 -21.05
N GLU B 104 25.99 -13.78 -20.02
CA GLU B 104 24.96 -13.60 -19.01
C GLU B 104 25.12 -12.29 -18.25
N LYS B 105 26.32 -12.05 -17.72
CA LYS B 105 26.52 -10.86 -16.90
C LYS B 105 26.31 -9.56 -17.68
N PRO B 106 26.90 -9.37 -18.86
CA PRO B 106 26.62 -8.14 -19.62
C PRO B 106 25.16 -8.02 -20.03
N GLY B 107 24.50 -9.13 -20.36
CA GLY B 107 23.10 -9.06 -20.72
C GLY B 107 22.24 -8.60 -19.55
N LEU B 108 22.51 -9.11 -18.35
CA LEU B 108 21.75 -8.67 -17.19
C LEU B 108 22.10 -7.24 -16.81
N ILE B 109 23.34 -6.82 -17.03
CA ILE B 109 23.69 -5.42 -16.79
C ILE B 109 22.91 -4.52 -17.73
N ALA B 110 22.82 -4.90 -19.01
CA ALA B 110 22.04 -4.12 -19.97
C ALA B 110 20.56 -4.11 -19.57
N GLY B 111 20.04 -5.24 -19.09
CA GLY B 111 18.65 -5.26 -18.66
C GLY B 111 18.39 -4.35 -17.48
N GLY B 112 19.25 -4.42 -16.46
CA GLY B 112 19.09 -3.55 -15.31
C GLY B 112 19.22 -2.08 -15.67
N SER B 113 20.16 -1.77 -16.57
CA SER B 113 20.32 -0.38 -16.97
C SER B 113 19.16 0.10 -17.84
N LEU B 114 18.55 -0.79 -18.62
CA LEU B 114 17.34 -0.42 -19.33
C LEU B 114 16.20 -0.16 -18.35
N LEU B 115 16.13 -0.94 -17.27
CA LEU B 115 15.12 -0.69 -16.26
C LEU B 115 15.31 0.68 -15.61
N VAL B 116 16.56 1.01 -15.25
CA VAL B 116 16.78 2.33 -14.67
C VAL B 116 16.57 3.41 -15.72
N ASP B 117 16.78 3.09 -17.00
CA ASP B 117 16.48 4.03 -18.06
C ASP B 117 14.99 4.30 -18.15
N TYR B 118 14.17 3.27 -17.97
CA TYR B 118 12.72 3.49 -17.99
C TYR B 118 12.28 4.32 -16.79
N ILE B 119 12.81 4.02 -15.61
CA ILE B 119 12.46 4.81 -14.42
C ILE B 119 12.87 6.27 -14.62
N LEU B 120 14.09 6.49 -15.12
CA LEU B 120 14.54 7.85 -15.37
C LEU B 120 13.79 8.47 -16.53
N THR B 121 13.32 7.69 -17.49
CA THR B 121 12.55 8.25 -18.59
C THR B 121 11.26 8.87 -18.07
N VAL B 122 10.50 8.10 -17.29
CA VAL B 122 9.28 8.68 -16.75
C VAL B 122 9.60 9.86 -15.82
N ALA B 123 10.63 9.72 -14.98
CA ALA B 123 10.95 10.79 -14.04
C ALA B 123 11.35 12.08 -14.76
N VAL B 124 12.31 11.99 -15.69
CA VAL B 124 12.81 13.17 -16.38
C VAL B 124 11.76 13.75 -17.31
N SER B 125 11.02 12.91 -18.04
CA SER B 125 10.00 13.43 -18.93
C SER B 125 8.93 14.17 -18.14
N ILE B 126 8.48 13.60 -17.02
CA ILE B 126 7.46 14.28 -16.22
C ILE B 126 8.02 15.55 -15.59
N SER B 127 9.28 15.51 -15.13
CA SER B 127 9.87 16.69 -14.53
C SER B 127 10.00 17.83 -15.54
N ALA B 128 10.44 17.51 -16.76
CA ALA B 128 10.54 18.52 -17.80
C ALA B 128 9.17 19.02 -18.22
N GLY B 129 8.17 18.14 -18.26
CA GLY B 129 6.82 18.60 -18.56
C GLY B 129 6.29 19.57 -17.52
N THR B 130 6.50 19.25 -16.24
CA THR B 130 6.10 20.17 -15.19
C THR B 130 6.88 21.47 -15.26
N ASP B 131 8.17 21.39 -15.62
CA ASP B 131 8.96 22.61 -15.74
C ASP B 131 8.45 23.48 -16.89
N ALA B 132 8.06 22.85 -18.00
CA ALA B 132 7.48 23.60 -19.11
C ALA B 132 6.14 24.22 -18.71
N ILE B 133 5.32 23.49 -17.95
CA ILE B 133 4.06 24.04 -17.48
C ILE B 133 4.31 25.25 -16.58
N THR B 134 5.25 25.11 -15.65
CA THR B 134 5.57 26.23 -14.76
C THR B 134 6.13 27.41 -15.54
N SER B 135 6.86 27.15 -16.63
CA SER B 135 7.26 28.23 -17.50
C SER B 135 6.05 28.92 -18.12
N ALA B 136 5.06 28.14 -18.54
CA ALA B 136 3.85 28.72 -19.09
C ALA B 136 3.09 29.52 -18.04
N PHE B 137 3.00 28.99 -16.82
CA PHE B 137 2.28 29.62 -15.72
C PHE B 137 3.23 29.80 -14.56
N PRO B 138 3.97 30.91 -14.50
CA PRO B 138 5.02 31.04 -13.47
C PRO B 138 4.49 31.01 -12.05
N ALA B 139 3.20 31.29 -11.84
CA ALA B 139 2.63 31.22 -10.50
C ALA B 139 2.68 29.80 -9.93
N LEU B 140 2.72 28.79 -10.79
CA LEU B 140 2.77 27.41 -10.35
C LEU B 140 4.18 26.94 -10.02
N HIS B 141 5.20 27.78 -10.25
CA HIS B 141 6.57 27.33 -10.10
C HIS B 141 6.90 26.94 -8.66
N ASP B 142 6.21 27.54 -7.69
CA ASP B 142 6.44 27.16 -6.30
C ASP B 142 6.05 25.70 -6.06
N TYR B 143 4.93 25.27 -6.64
CA TYR B 143 4.47 23.90 -6.49
C TYR B 143 4.95 23.06 -7.67
N HIS B 144 6.23 22.72 -7.63
CA HIS B 144 6.85 21.96 -8.71
C HIS B 144 6.77 20.46 -8.48
N VAL B 145 7.22 19.98 -7.31
CA VAL B 145 7.11 18.56 -7.01
C VAL B 145 5.68 18.12 -6.74
N PRO B 146 4.75 18.97 -6.22
CA PRO B 146 3.36 18.50 -6.12
C PRO B 146 2.73 18.24 -7.48
N ILE B 147 2.89 19.17 -8.42
CA ILE B 147 2.36 18.93 -9.76
C ILE B 147 3.12 17.78 -10.44
N ALA B 148 4.39 17.58 -10.09
CA ALA B 148 5.14 16.46 -10.65
C ALA B 148 4.58 15.13 -10.19
N ILE B 149 4.37 14.97 -8.88
CA ILE B 149 3.80 13.72 -8.41
C ILE B 149 2.36 13.57 -8.90
N PHE B 150 1.65 14.68 -9.10
CA PHE B 150 0.31 14.59 -9.67
C PHE B 150 0.35 14.04 -11.09
N LEU B 151 1.29 14.52 -11.90
CA LEU B 151 1.41 14.01 -13.27
C LEU B 151 1.83 12.55 -13.28
N VAL B 152 2.77 12.17 -12.41
CA VAL B 152 3.13 10.76 -12.30
C VAL B 152 1.91 9.93 -11.95
N LEU B 153 1.08 10.42 -11.01
CA LEU B 153 -0.08 9.65 -10.58
C LEU B 153 -1.13 9.54 -11.67
N VAL B 154 -1.35 10.62 -12.44
CA VAL B 154 -2.35 10.53 -13.50
C VAL B 154 -1.88 9.58 -14.60
N ILE B 155 -0.58 9.59 -14.90
CA ILE B 155 -0.08 8.63 -15.89
C ILE B 155 -0.16 7.21 -15.35
N MET B 156 0.09 7.03 -14.05
CA MET B 156 -0.05 5.72 -13.43
C MET B 156 -1.48 5.21 -13.55
N ILE B 157 -2.46 6.09 -13.28
CA ILE B 157 -3.86 5.69 -13.39
C ILE B 157 -4.22 5.37 -14.83
N LEU B 158 -3.73 6.18 -15.77
CA LEU B 158 -4.01 5.92 -17.18
C LEU B 158 -3.44 4.58 -17.62
N ASN B 159 -2.23 4.25 -17.19
CA ASN B 159 -1.61 2.98 -17.56
C ASN B 159 -2.02 1.82 -16.67
N LEU B 160 -2.82 2.06 -15.63
CA LEU B 160 -3.35 0.95 -14.85
C LEU B 160 -4.64 0.42 -15.45
N ARG B 161 -5.52 1.30 -15.91
CA ARG B 161 -6.74 0.89 -16.60
C ARG B 161 -6.54 0.86 -18.12
N GLY B 162 -5.49 0.17 -18.55
CA GLY B 162 -5.17 0.09 -19.97
C GLY B 162 -4.71 1.42 -20.54
N ALA B 167 -3.56 3.55 -28.58
CA ALA B 167 -4.69 4.37 -29.00
C ALA B 167 -4.25 5.50 -29.91
N SER B 168 -5.20 6.18 -30.52
CA SER B 168 -4.90 7.31 -31.40
C SER B 168 -4.69 8.62 -30.64
N ILE B 169 -5.00 8.64 -29.33
CA ILE B 169 -4.76 9.83 -28.52
C ILE B 169 -3.32 9.98 -28.09
N LEU B 170 -2.47 8.99 -28.41
CA LEU B 170 -1.04 9.06 -28.13
C LEU B 170 -0.21 9.38 -29.37
N ALA B 171 -0.85 9.79 -30.46
CA ALA B 171 -0.15 10.14 -31.68
C ALA B 171 -0.33 11.59 -32.09
N TYR B 172 -1.46 12.21 -31.76
CA TYR B 172 -1.64 13.63 -32.05
C TYR B 172 -0.64 14.52 -31.32
N PRO B 173 -0.36 14.34 -30.03
CA PRO B 173 0.61 15.26 -29.37
C PRO B 173 1.98 15.27 -30.01
N VAL B 174 2.48 14.12 -30.47
CA VAL B 174 3.80 14.08 -31.07
C VAL B 174 3.83 14.85 -32.38
N TYR B 175 2.81 14.65 -33.22
CA TYR B 175 2.73 15.39 -34.47
C TYR B 175 2.59 16.88 -34.21
N LEU B 176 1.79 17.25 -33.22
CA LEU B 176 1.67 18.65 -32.85
C LEU B 176 3.00 19.23 -32.41
N PHE B 177 3.77 18.48 -31.64
CA PHE B 177 5.07 18.95 -31.20
C PHE B 177 6.03 19.12 -32.37
N VAL B 178 6.03 18.16 -33.29
CA VAL B 178 6.90 18.26 -34.46
C VAL B 178 6.55 19.50 -35.27
N VAL B 179 5.25 19.71 -35.52
CA VAL B 179 4.83 20.85 -36.32
C VAL B 179 5.17 22.16 -35.61
N ALA B 180 4.88 22.23 -34.30
CA ALA B 180 5.13 23.45 -33.56
C ALA B 180 6.62 23.78 -33.53
N LEU B 181 7.47 22.78 -33.28
CA LEU B 181 8.90 23.06 -33.24
C LEU B 181 9.45 23.35 -34.63
N LEU B 182 8.91 22.73 -35.68
CA LEU B 182 9.37 23.04 -37.02
C LEU B 182 9.04 24.49 -37.39
N VAL B 183 7.81 24.92 -37.11
CA VAL B 183 7.47 26.31 -37.43
C VAL B 183 8.22 27.27 -36.51
N LEU B 184 8.51 26.87 -35.27
CA LEU B 184 9.31 27.71 -34.39
C LEU B 184 10.73 27.86 -34.93
N ILE B 185 11.32 26.78 -35.43
CA ILE B 185 12.63 26.86 -36.05
C ILE B 185 12.58 27.75 -37.28
N ALA B 186 11.53 27.62 -38.09
CA ALA B 186 11.42 28.43 -39.29
C ALA B 186 11.35 29.91 -38.94
N VAL B 187 10.50 30.28 -38.00
CA VAL B 187 10.38 31.70 -37.64
C VAL B 187 11.63 32.18 -36.92
N GLY B 188 12.32 31.29 -36.18
CA GLY B 188 13.56 31.70 -35.56
C GLY B 188 14.65 31.99 -36.58
N LEU B 189 14.76 31.16 -37.61
CA LEU B 189 15.69 31.45 -38.69
C LEU B 189 15.29 32.72 -39.42
N PHE B 190 13.99 32.94 -39.62
CA PHE B 190 13.53 34.15 -40.28
C PHE B 190 13.94 35.38 -39.47
N LYS B 191 13.74 35.34 -38.16
CA LYS B 191 14.14 36.46 -37.30
C LYS B 191 15.65 36.65 -37.32
N LEU B 192 16.41 35.55 -37.27
CA LEU B 192 17.86 35.64 -37.30
C LEU B 192 18.38 36.06 -38.67
N MET B 193 17.54 36.07 -39.69
CA MET B 193 17.95 36.50 -41.02
C MET B 193 17.03 37.60 -41.55
N LEU B 215 39.32 21.89 -22.19
CA LEU B 215 38.58 21.10 -23.16
C LEU B 215 37.73 20.05 -22.43
N PHE B 216 38.10 19.75 -21.20
CA PHE B 216 37.35 18.76 -20.43
C PHE B 216 35.92 19.20 -20.21
N LEU B 217 35.71 20.49 -19.92
CA LEU B 217 34.35 20.98 -19.74
C LEU B 217 33.57 20.93 -21.04
N LEU B 218 34.24 21.10 -22.18
CA LEU B 218 33.57 20.88 -23.45
C LEU B 218 33.12 19.43 -23.58
N LEU B 219 33.92 18.49 -23.08
CA LEU B 219 33.52 17.09 -23.12
C LEU B 219 32.35 16.82 -22.17
N LYS B 220 32.33 17.48 -21.02
CA LYS B 220 31.18 17.37 -20.14
C LYS B 220 29.92 17.88 -20.82
N ALA B 221 30.03 19.01 -21.53
CA ALA B 221 28.89 19.52 -22.28
C ALA B 221 28.48 18.54 -23.37
N PHE B 222 29.44 17.90 -24.02
CA PHE B 222 29.12 16.91 -25.05
C PHE B 222 28.36 15.75 -24.45
N SER B 223 28.76 15.29 -23.26
CA SER B 223 28.05 14.19 -22.61
C SER B 223 26.63 14.61 -22.26
N SER B 224 26.48 15.78 -21.62
CA SER B 224 25.16 16.22 -21.22
C SER B 224 24.28 16.56 -22.43
N GLY B 225 24.87 16.79 -23.59
CA GLY B 225 24.11 17.00 -24.81
C GLY B 225 23.72 15.70 -25.47
N CYS B 226 24.62 14.73 -25.47
CA CYS B 226 24.26 13.39 -25.89
C CYS B 226 23.17 12.81 -25.00
N SER B 227 23.02 13.34 -23.79
CA SER B 227 21.88 12.99 -22.95
C SER B 227 20.54 13.37 -23.57
N ALA B 228 20.54 14.04 -24.71
CA ALA B 228 19.33 14.29 -25.48
C ALA B 228 19.03 13.18 -26.46
N LEU B 229 19.80 12.09 -26.43
CA LEU B 229 19.62 10.93 -27.30
C LEU B 229 19.25 9.75 -26.41
N THR B 230 17.96 9.62 -26.11
CA THR B 230 17.54 8.61 -25.15
C THR B 230 16.43 7.72 -25.69
N GLY B 231 15.59 8.27 -26.55
CA GLY B 231 14.44 7.54 -27.02
C GLY B 231 14.67 6.63 -28.20
N VAL B 232 15.92 6.48 -28.65
CA VAL B 232 16.17 5.72 -29.87
C VAL B 232 15.84 4.25 -29.67
N GLU B 233 15.91 3.75 -28.43
CA GLU B 233 15.66 2.34 -28.15
C GLU B 233 14.22 1.92 -28.39
N ALA B 234 13.28 2.87 -28.48
CA ALA B 234 11.87 2.51 -28.52
C ALA B 234 11.51 1.71 -29.77
N ILE B 235 12.02 2.13 -30.93
CA ILE B 235 11.69 1.43 -32.17
C ILE B 235 12.34 0.04 -32.18
N SER B 236 13.59 -0.06 -31.72
CA SER B 236 14.23 -1.36 -31.63
C SER B 236 13.49 -2.29 -30.68
N ASN B 237 12.86 -1.72 -29.65
CA ASN B 237 12.07 -2.55 -28.74
C ASN B 237 10.72 -2.94 -29.34
N ALA B 238 10.11 -2.08 -30.13
CA ALA B 238 8.76 -2.29 -30.63
C ALA B 238 8.71 -2.58 -32.14
N ILE B 239 9.78 -3.17 -32.67
CA ILE B 239 9.75 -3.69 -34.04
C ILE B 239 8.49 -4.51 -34.36
N PRO B 240 8.08 -5.50 -33.52
CA PRO B 240 7.00 -6.39 -33.95
C PRO B 240 5.64 -5.73 -34.15
N ALA B 241 5.55 -4.42 -33.99
CA ALA B 241 4.29 -3.69 -34.11
C ALA B 241 4.20 -2.93 -35.43
N PHE B 242 4.68 -3.51 -36.53
CA PHE B 242 4.79 -2.81 -37.79
C PHE B 242 4.06 -3.57 -38.89
N LYS B 243 4.27 -3.12 -40.14
CA LYS B 243 3.55 -3.63 -41.30
C LYS B 243 4.17 -4.95 -41.75
N ASN B 244 3.79 -5.38 -42.96
CA ASN B 244 4.22 -6.70 -43.43
C ASN B 244 5.74 -6.87 -43.49
N PRO B 245 6.53 -5.93 -43.98
CA PRO B 245 7.99 -6.02 -43.81
C PRO B 245 8.44 -5.32 -42.55
N PRO B 246 8.34 -5.98 -41.38
CA PRO B 246 8.57 -5.25 -40.13
C PRO B 246 9.98 -4.67 -40.02
N ALA B 247 11.00 -5.43 -40.44
CA ALA B 247 12.37 -4.97 -40.26
C ALA B 247 12.69 -3.77 -41.13
N ARG B 248 12.36 -3.84 -42.42
CA ARG B 248 12.65 -2.72 -43.32
C ARG B 248 11.84 -1.49 -42.94
N ASN B 249 10.56 -1.69 -42.60
CA ASN B 249 9.73 -0.55 -42.22
C ASN B 249 10.23 0.09 -40.93
N ALA B 250 10.64 -0.72 -39.96
CA ALA B 250 11.15 -0.17 -38.71
C ALA B 250 12.47 0.56 -38.94
N ALA B 251 13.33 0.03 -39.82
CA ALA B 251 14.57 0.74 -40.14
C ALA B 251 14.27 2.07 -40.81
N ARG B 252 13.29 2.08 -41.73
CA ARG B 252 12.92 3.32 -42.40
C ARG B 252 12.39 4.35 -41.42
N THR B 253 11.52 3.92 -40.50
CA THR B 253 10.94 4.86 -39.57
C THR B 253 11.95 5.32 -38.53
N LEU B 254 12.93 4.49 -38.19
CA LEU B 254 13.97 4.96 -37.28
C LEU B 254 14.93 5.92 -37.99
N ALA B 255 15.15 5.72 -39.29
CA ALA B 255 15.88 6.73 -40.05
C ALA B 255 15.14 8.05 -40.07
N MET B 256 13.81 8.00 -40.27
CA MET B 256 13.01 9.22 -40.20
C MET B 256 13.08 9.85 -38.82
N MET B 257 13.04 9.02 -37.78
CA MET B 257 13.20 9.49 -36.41
C MET B 257 14.53 10.21 -36.22
N GLY B 258 15.61 9.61 -36.72
CA GLY B 258 16.91 10.25 -36.58
C GLY B 258 16.98 11.59 -37.31
N ILE B 259 16.45 11.63 -38.53
CA ILE B 259 16.46 12.88 -39.29
C ILE B 259 15.66 13.95 -38.56
N LEU B 260 14.47 13.59 -38.09
CA LEU B 260 13.60 14.56 -37.43
C LEU B 260 14.22 15.07 -36.13
N LEU B 261 14.76 14.15 -35.31
CA LEU B 261 15.37 14.57 -34.06
C LEU B 261 16.60 15.42 -34.31
N ALA B 262 17.40 15.08 -35.31
CA ALA B 262 18.54 15.90 -35.65
C ALA B 262 18.11 17.30 -36.08
N ILE B 263 17.07 17.39 -36.91
CA ILE B 263 16.59 18.69 -37.36
C ILE B 263 16.12 19.52 -36.17
N LEU B 264 15.31 18.92 -35.30
CA LEU B 264 14.77 19.64 -34.15
C LEU B 264 15.88 20.10 -33.22
N PHE B 265 16.81 19.21 -32.89
CA PHE B 265 17.88 19.57 -31.96
C PHE B 265 18.80 20.63 -32.55
N SER B 266 19.16 20.49 -33.83
CA SER B 266 20.00 21.49 -34.45
C SER B 266 19.31 22.84 -34.51
N GLY B 267 18.01 22.86 -34.84
CA GLY B 267 17.29 24.11 -34.87
C GLY B 267 17.22 24.77 -33.50
N ILE B 268 16.93 23.98 -32.46
CA ILE B 268 16.84 24.55 -31.12
C ILE B 268 18.18 25.08 -30.68
N THR B 269 19.27 24.35 -30.94
CA THR B 269 20.59 24.82 -30.55
C THR B 269 20.97 26.09 -31.30
N VAL B 270 20.70 26.15 -32.61
CA VAL B 270 21.06 27.34 -33.36
C VAL B 270 20.20 28.53 -32.93
N LEU B 271 18.94 28.29 -32.56
CA LEU B 271 18.11 29.38 -32.07
C LEU B 271 18.60 29.87 -30.72
N ALA B 272 19.01 28.95 -29.84
CA ALA B 272 19.57 29.35 -28.56
C ALA B 272 20.85 30.15 -28.74
N TYR B 273 21.69 29.76 -29.70
CA TYR B 273 22.89 30.54 -30.01
C TYR B 273 22.51 31.92 -30.52
N GLY B 274 21.58 31.98 -31.47
CA GLY B 274 21.25 33.26 -32.09
C GLY B 274 20.64 34.25 -31.10
N TYR B 275 19.71 33.77 -30.27
CA TYR B 275 19.09 34.65 -29.29
C TYR B 275 19.99 34.94 -28.10
N GLY B 276 21.10 34.23 -27.96
CA GLY B 276 21.96 34.40 -26.80
C GLY B 276 21.28 34.08 -25.50
N THR B 277 20.36 33.11 -25.51
CA THR B 277 19.62 32.78 -24.31
C THR B 277 20.50 32.02 -23.33
N ALA B 278 20.11 32.08 -22.05
CA ALA B 278 20.78 31.37 -20.98
C ALA B 278 19.74 30.63 -20.15
N PRO B 279 20.10 29.50 -19.56
CA PRO B 279 19.11 28.72 -18.82
C PRO B 279 18.72 29.36 -17.50
N LYS B 280 17.52 29.93 -17.43
CA LYS B 280 17.04 30.46 -16.17
C LYS B 280 16.39 29.34 -15.35
N PRO B 281 16.56 29.33 -14.04
CA PRO B 281 15.92 28.28 -13.22
C PRO B 281 14.41 28.25 -13.34
N ASP B 282 13.81 29.33 -13.86
CA ASP B 282 12.36 29.43 -13.94
C ASP B 282 11.78 28.78 -15.18
N GLU B 283 12.56 28.58 -16.24
CA GLU B 283 11.99 28.13 -17.50
C GLU B 283 13.04 27.42 -18.34
N THR B 284 12.57 26.62 -19.29
CA THR B 284 13.44 25.88 -20.20
C THR B 284 13.97 26.79 -21.30
N VAL B 285 14.96 26.28 -22.03
CA VAL B 285 15.53 27.02 -23.14
C VAL B 285 14.54 27.13 -24.29
N VAL B 286 13.81 26.04 -24.58
CA VAL B 286 12.79 26.11 -25.63
C VAL B 286 11.71 27.12 -25.24
N SER B 287 11.40 27.21 -23.95
CA SER B 287 10.44 28.21 -23.49
C SER B 287 10.94 29.62 -23.77
N GLN B 288 12.22 29.88 -23.49
CA GLN B 288 12.78 31.20 -23.76
C GLN B 288 12.79 31.50 -25.26
N ILE B 289 13.10 30.49 -26.08
CA ILE B 289 13.06 30.68 -27.53
C ILE B 289 11.67 31.09 -27.96
N ALA B 290 10.65 30.33 -27.52
CA ALA B 290 9.29 30.62 -27.91
C ALA B 290 8.85 32.00 -27.42
N SER B 291 9.23 32.36 -26.19
CA SER B 291 8.85 33.65 -25.64
C SER B 291 9.49 34.80 -26.41
N GLU B 292 10.79 34.71 -26.67
CA GLU B 292 11.48 35.78 -27.40
C GLU B 292 11.09 35.82 -28.86
N THR B 293 10.50 34.74 -29.39
CA THR B 293 10.07 34.78 -30.78
C THR B 293 8.63 35.25 -30.94
N PHE B 294 7.75 34.92 -30.00
CA PHE B 294 6.33 35.20 -30.13
C PHE B 294 5.75 36.02 -28.99
N GLY B 295 6.54 36.38 -27.99
CA GLY B 295 6.10 37.32 -26.97
C GLY B 295 4.93 36.85 -26.13
N ARG B 296 4.97 35.59 -25.69
CA ARG B 296 3.96 35.04 -24.78
C ARG B 296 2.55 35.15 -25.37
N ASN B 297 2.43 35.02 -26.69
CA ASN B 297 1.13 35.09 -27.33
C ASN B 297 0.41 33.75 -27.20
N VAL B 298 -0.66 33.56 -27.97
CA VAL B 298 -1.38 32.29 -27.93
C VAL B 298 -0.50 31.15 -28.44
N PHE B 299 0.34 31.44 -29.44
CA PHE B 299 1.19 30.40 -30.01
C PHE B 299 2.26 29.94 -29.03
N TYR B 300 2.80 30.86 -28.22
CA TYR B 300 3.75 30.46 -27.19
C TYR B 300 3.12 29.52 -26.18
N TYR B 301 1.89 29.82 -25.75
CA TYR B 301 1.19 28.92 -24.85
C TYR B 301 0.87 27.59 -25.54
N VAL B 302 0.60 27.62 -26.84
CA VAL B 302 0.40 26.38 -27.58
C VAL B 302 1.67 25.54 -27.54
N ILE B 303 2.82 26.17 -27.78
CA ILE B 303 4.08 25.45 -27.77
C ILE B 303 4.35 24.85 -26.39
N GLN B 304 4.13 25.64 -25.34
CA GLN B 304 4.36 25.13 -23.98
C GLN B 304 3.44 23.97 -23.65
N GLY B 305 2.15 24.12 -23.97
CA GLY B 305 1.22 23.04 -23.69
C GLY B 305 1.55 21.78 -24.46
N VAL B 306 1.93 21.93 -25.73
CA VAL B 306 2.26 20.76 -26.54
C VAL B 306 3.55 20.11 -26.06
N THR B 307 4.54 20.92 -25.64
CA THR B 307 5.76 20.36 -25.10
C THR B 307 5.49 19.57 -23.82
N SER B 308 4.68 20.12 -22.93
CA SER B 308 4.31 19.40 -21.72
C SER B 308 3.56 18.12 -22.07
N LEU B 309 2.66 18.19 -23.05
CA LEU B 309 1.91 17.01 -23.46
C LEU B 309 2.82 15.93 -24.01
N ILE B 310 3.79 16.30 -24.84
CA ILE B 310 4.66 15.28 -25.41
C ILE B 310 5.60 14.71 -24.36
N LEU B 311 5.98 15.51 -23.36
CA LEU B 311 6.79 14.94 -22.28
C LEU B 311 5.98 13.97 -21.42
N VAL B 312 4.72 14.31 -21.14
CA VAL B 312 3.84 13.34 -20.47
C VAL B 312 3.70 12.09 -21.33
N LEU B 313 3.60 12.26 -22.64
CA LEU B 313 3.48 11.11 -23.53
C LEU B 313 4.75 10.27 -23.50
N ALA B 314 5.92 10.90 -23.40
CA ALA B 314 7.16 10.15 -23.27
C ALA B 314 7.18 9.33 -21.98
N ALA B 315 6.72 9.93 -20.89
CA ALA B 315 6.59 9.16 -19.66
C ALA B 315 5.65 7.96 -19.85
N ASN B 316 4.55 8.18 -20.55
CA ASN B 316 3.61 7.08 -20.81
C ASN B 316 4.28 5.99 -21.64
N THR B 317 5.11 6.37 -22.61
CA THR B 317 5.82 5.37 -23.41
C THR B 317 6.79 4.60 -22.55
N GLY B 318 7.46 5.26 -21.62
CA GLY B 318 8.32 4.53 -20.69
C GLY B 318 7.55 3.50 -19.89
N PHE B 319 6.40 3.90 -19.33
CA PHE B 319 5.57 2.96 -18.59
C PHE B 319 5.15 1.78 -19.48
N SER B 320 4.69 2.06 -20.69
CA SER B 320 4.13 1.02 -21.54
C SER B 320 5.20 0.18 -22.21
N ALA B 321 6.47 0.61 -22.19
CA ALA B 321 7.54 -0.19 -22.75
C ALA B 321 8.33 -0.95 -21.69
N PHE B 322 8.17 -0.61 -20.41
CA PHE B 322 8.81 -1.42 -19.37
C PHE B 322 8.39 -2.89 -19.40
N PRO B 323 7.11 -3.24 -19.54
CA PRO B 323 6.75 -4.66 -19.60
C PRO B 323 7.38 -5.40 -20.77
N GLN B 324 7.75 -4.73 -21.85
CA GLN B 324 8.49 -5.40 -22.91
C GLN B 324 9.84 -5.90 -22.40
N LEU B 325 10.55 -5.04 -21.65
CA LEU B 325 11.79 -5.48 -21.00
C LEU B 325 11.52 -6.60 -20.01
N ALA B 326 10.45 -6.46 -19.21
CA ALA B 326 10.16 -7.48 -18.21
C ALA B 326 9.89 -8.82 -18.86
N PHE B 327 9.17 -8.84 -19.98
CA PHE B 327 8.89 -10.09 -20.68
C PHE B 327 10.16 -10.66 -21.30
N ASN B 328 10.99 -9.81 -21.94
CA ASN B 328 12.24 -10.30 -22.50
C ASN B 328 13.13 -10.91 -21.42
N LEU B 329 13.03 -10.40 -20.20
CA LEU B 329 13.85 -10.97 -19.12
C LEU B 329 13.23 -12.24 -18.55
N ALA B 330 11.92 -12.24 -18.31
CA ALA B 330 11.27 -13.40 -17.70
C ALA B 330 11.20 -14.57 -18.65
N ARG B 331 11.30 -14.35 -19.95
CA ARG B 331 11.44 -15.48 -20.87
C ARG B 331 12.77 -16.19 -20.68
N ASP B 332 13.75 -15.52 -20.06
CA ASP B 332 15.04 -16.13 -19.74
C ASP B 332 15.19 -16.41 -18.26
N GLN B 333 14.07 -16.46 -17.52
CA GLN B 333 14.04 -16.84 -16.11
C GLN B 333 14.78 -15.84 -15.22
N TYR B 334 14.83 -14.58 -15.61
CA TYR B 334 15.45 -13.56 -14.76
C TYR B 334 14.44 -12.68 -14.04
N MET B 335 13.22 -12.56 -14.55
CA MET B 335 12.11 -11.87 -13.91
C MET B 335 10.99 -12.86 -13.65
N PRO B 336 10.09 -12.57 -12.71
CA PRO B 336 9.09 -13.56 -12.31
C PRO B 336 8.27 -14.05 -13.49
N ARG B 337 7.79 -15.29 -13.38
CA ARG B 337 7.00 -15.90 -14.43
C ARG B 337 5.66 -15.20 -14.64
N MET B 338 5.25 -14.34 -13.72
CA MET B 338 4.04 -13.54 -13.94
C MET B 338 4.18 -12.65 -15.16
N PHE B 339 5.40 -12.30 -15.55
CA PHE B 339 5.62 -11.42 -16.69
C PHE B 339 5.70 -12.14 -18.01
N THR B 340 5.72 -13.47 -18.02
CA THR B 340 5.82 -14.19 -19.29
C THR B 340 4.57 -13.99 -20.15
N VAL B 341 3.41 -13.84 -19.53
CA VAL B 341 2.15 -13.66 -20.27
C VAL B 341 2.02 -12.18 -20.55
N ARG B 342 2.71 -11.72 -21.59
CA ARG B 342 2.81 -10.29 -21.86
C ARG B 342 1.46 -9.71 -22.29
N GLY B 343 0.79 -10.37 -23.24
CA GLY B 343 -0.41 -9.80 -23.80
C GLY B 343 -1.60 -9.79 -22.87
N ASP B 344 -1.60 -10.63 -21.83
CA ASP B 344 -2.70 -10.70 -20.89
C ASP B 344 -2.58 -9.68 -19.77
N ARG B 345 -1.45 -8.96 -19.69
CA ARG B 345 -1.25 -7.90 -18.72
C ARG B 345 -1.36 -8.43 -17.28
N LEU B 346 -0.46 -9.35 -16.96
CA LEU B 346 -0.37 -9.89 -15.60
C LEU B 346 0.56 -9.06 -14.73
N GLY B 347 1.80 -8.92 -15.15
CA GLY B 347 2.73 -8.09 -14.42
C GLY B 347 2.63 -6.62 -14.74
N PHE B 348 1.71 -6.24 -15.62
CA PHE B 348 1.59 -4.84 -16.00
C PHE B 348 1.25 -3.98 -14.79
N SER B 349 0.32 -4.42 -13.95
CA SER B 349 -0.07 -3.63 -12.80
C SER B 349 1.07 -3.47 -11.81
N ASN B 350 1.75 -4.58 -11.49
CA ASN B 350 2.87 -4.52 -10.57
C ASN B 350 4.00 -3.66 -11.13
N GLY B 351 4.29 -3.81 -12.42
CA GLY B 351 5.34 -3.00 -13.03
C GLY B 351 5.02 -1.53 -13.04
N ILE B 352 3.78 -1.18 -13.37
CA ILE B 352 3.38 0.23 -13.36
C ILE B 352 3.48 0.79 -11.95
N ILE B 353 3.04 0.02 -10.96
CA ILE B 353 3.17 0.46 -9.57
C ILE B 353 4.63 0.72 -9.24
N PHE B 354 5.52 -0.20 -9.64
CA PHE B 354 6.91 -0.07 -9.26
C PHE B 354 7.56 1.13 -9.93
N LEU B 355 7.37 1.30 -11.24
CA LEU B 355 7.97 2.46 -11.91
C LEU B 355 7.36 3.77 -11.43
N GLY B 356 6.06 3.78 -11.13
CA GLY B 356 5.48 4.99 -10.57
C GLY B 356 6.10 5.37 -9.24
N PHE B 357 6.23 4.39 -8.33
CA PHE B 357 6.82 4.70 -7.03
C PHE B 357 8.29 5.07 -7.16
N ALA B 358 9.02 4.40 -8.05
CA ALA B 358 10.43 4.72 -8.24
C ALA B 358 10.60 6.11 -8.82
N SER B 359 9.74 6.48 -9.77
CA SER B 359 9.80 7.83 -10.32
C SER B 359 9.44 8.87 -9.28
N ILE B 360 8.47 8.56 -8.41
CA ILE B 360 8.13 9.47 -7.33
C ILE B 360 9.33 9.66 -6.41
N VAL B 361 10.00 8.57 -6.05
CA VAL B 361 11.15 8.65 -5.17
C VAL B 361 12.28 9.46 -5.82
N LEU B 362 12.54 9.20 -7.10
CA LEU B 362 13.63 9.88 -7.79
C LEU B 362 13.27 11.30 -8.23
N ILE B 363 12.01 11.69 -8.13
CA ILE B 363 11.61 13.07 -8.39
C ILE B 363 11.45 13.87 -7.10
N ILE B 364 11.27 13.21 -5.97
CA ILE B 364 11.24 13.90 -4.68
C ILE B 364 12.64 14.04 -4.09
N LEU B 365 13.44 12.97 -4.16
CA LEU B 365 14.80 13.04 -3.66
C LEU B 365 15.62 14.05 -4.44
N PHE B 366 15.44 14.10 -5.75
CA PHE B 366 16.15 15.06 -6.59
C PHE B 366 15.38 16.36 -6.76
N GLY B 367 14.18 16.47 -6.17
CA GLY B 367 13.48 17.74 -6.09
C GLY B 367 12.83 18.21 -7.38
N GLY B 368 12.78 17.38 -8.41
CA GLY B 368 12.18 17.77 -9.65
C GLY B 368 13.05 18.60 -10.57
N GLN B 369 14.28 18.89 -10.15
CA GLN B 369 15.22 19.63 -11.01
C GLN B 369 15.73 18.69 -12.09
N THR B 370 15.29 18.92 -13.34
CA THR B 370 15.70 18.05 -14.43
C THR B 370 17.20 18.05 -14.64
N GLU B 371 17.89 19.13 -14.30
CA GLU B 371 19.34 19.16 -14.47
C GLU B 371 20.02 18.16 -13.54
N HIS B 372 19.53 18.02 -12.32
CA HIS B 372 20.11 17.07 -11.39
C HIS B 372 19.70 15.63 -11.66
N LEU B 373 18.65 15.41 -12.45
CA LEU B 373 18.22 14.07 -12.82
C LEU B 373 18.73 13.62 -14.18
N ILE B 374 19.18 14.56 -15.02
CA ILE B 374 19.53 14.23 -16.39
C ILE B 374 20.82 13.42 -16.50
N PRO B 375 21.82 13.55 -15.61
CA PRO B 375 22.97 12.62 -15.74
C PRO B 375 22.60 11.20 -15.39
N LEU B 376 21.70 11.02 -14.42
CA LEU B 376 21.21 9.69 -14.09
C LEU B 376 20.51 9.06 -15.31
N TYR B 377 19.67 9.84 -15.97
CA TYR B 377 19.01 9.39 -17.20
C TYR B 377 20.02 9.07 -18.28
N ALA B 378 21.03 9.93 -18.45
CA ALA B 378 22.02 9.71 -19.49
C ALA B 378 22.79 8.43 -19.25
N VAL B 379 23.19 8.17 -18.01
CA VAL B 379 23.90 6.94 -17.69
C VAL B 379 22.99 5.74 -17.93
N GLY B 380 21.75 5.82 -17.44
CA GLY B 380 20.81 4.73 -17.60
C GLY B 380 20.47 4.40 -19.04
N VAL B 381 20.57 5.38 -19.94
CA VAL B 381 20.30 5.12 -21.35
C VAL B 381 21.57 4.83 -22.13
N PHE B 382 22.75 5.21 -21.62
CA PHE B 382 23.98 5.03 -22.36
C PHE B 382 24.73 3.77 -21.99
N ILE B 383 24.51 3.19 -20.82
CA ILE B 383 24.99 1.84 -20.56
C ILE B 383 24.38 0.84 -21.53
N PRO B 384 23.05 0.81 -21.73
CA PRO B 384 22.52 -0.06 -22.79
C PRO B 384 23.02 0.30 -24.16
N PHE B 385 23.24 1.58 -24.46
CA PHE B 385 23.82 1.95 -25.75
C PHE B 385 25.18 1.30 -25.94
N THR B 386 26.05 1.43 -24.95
CA THR B 386 27.40 0.87 -25.05
C THR B 386 27.37 -0.64 -25.14
N LEU B 387 26.58 -1.30 -24.28
CA LEU B 387 26.51 -2.75 -24.32
C LEU B 387 25.93 -3.24 -25.65
N SER B 388 24.92 -2.56 -26.17
CA SER B 388 24.31 -2.97 -27.42
C SER B 388 25.26 -2.80 -28.59
N GLN B 389 25.99 -1.68 -28.64
CA GLN B 389 26.92 -1.48 -29.75
C GLN B 389 28.11 -2.44 -29.64
N THR B 390 28.58 -2.70 -28.42
CA THR B 390 29.62 -3.70 -28.24
C THR B 390 29.14 -5.07 -28.67
N GLY B 391 27.89 -5.40 -28.36
CA GLY B 391 27.34 -6.67 -28.78
C GLY B 391 27.24 -6.78 -30.29
N MET B 392 26.82 -5.70 -30.94
CA MET B 392 26.76 -5.72 -32.40
C MET B 392 28.16 -5.88 -32.99
N CYS B 393 29.15 -5.20 -32.42
CA CYS B 393 30.52 -5.35 -32.87
C CYS B 393 31.00 -6.79 -32.72
N MET B 394 30.71 -7.42 -31.57
CA MET B 394 31.18 -8.78 -31.35
C MET B 394 30.44 -9.77 -32.24
N LYS B 395 29.14 -9.54 -32.47
CA LYS B 395 28.41 -10.38 -33.41
C LYS B 395 28.98 -10.25 -34.82
N TRP B 396 29.36 -9.03 -35.20
CA TRP B 396 29.97 -8.84 -36.52
C TRP B 396 31.29 -9.56 -36.63
N ILE B 397 32.15 -9.47 -35.61
CA ILE B 397 33.47 -10.10 -35.72
C ILE B 397 33.34 -11.62 -35.68
N LYS B 398 32.44 -12.14 -34.86
CA LYS B 398 32.24 -13.59 -34.83
C LYS B 398 31.70 -14.11 -36.15
N GLN B 399 30.75 -13.38 -36.75
CA GLN B 399 30.26 -13.74 -38.07
C GLN B 399 31.19 -13.20 -39.15
N LYS B 400 30.90 -13.54 -40.40
CA LYS B 400 31.65 -13.03 -41.55
C LYS B 400 30.67 -12.60 -42.63
N PRO B 401 29.96 -11.49 -42.42
CA PRO B 401 29.02 -11.00 -43.43
C PRO B 401 29.74 -10.24 -44.54
N LYS B 402 28.96 -9.86 -45.55
CA LYS B 402 29.53 -9.17 -46.72
C LYS B 402 30.10 -7.82 -46.33
N GLY B 403 29.30 -6.98 -45.66
CA GLY B 403 29.74 -5.66 -45.28
C GLY B 403 30.34 -5.63 -43.89
N TRP B 404 31.30 -6.53 -43.65
CA TRP B 404 31.83 -6.72 -42.30
C TRP B 404 32.56 -5.47 -41.81
N ILE B 405 33.40 -4.88 -42.66
CA ILE B 405 34.30 -3.82 -42.21
C ILE B 405 33.52 -2.55 -41.89
N GLY B 406 32.53 -2.21 -42.70
CA GLY B 406 31.77 -0.99 -42.44
C GLY B 406 30.97 -1.06 -41.16
N LYS B 407 30.27 -2.17 -40.95
CA LYS B 407 29.51 -2.35 -39.72
C LYS B 407 30.45 -2.39 -38.52
N MET B 408 31.58 -3.10 -38.65
CA MET B 408 32.63 -3.04 -37.65
C MET B 408 32.98 -1.61 -37.26
N LEU B 409 33.35 -0.79 -38.23
CA LEU B 409 33.82 0.55 -37.93
C LEU B 409 32.73 1.41 -37.31
N ILE B 410 31.51 1.34 -37.87
CA ILE B 410 30.43 2.17 -37.35
C ILE B 410 30.11 1.81 -35.91
N ASN B 411 29.92 0.51 -35.64
CA ASN B 411 29.57 0.09 -34.30
C ASN B 411 30.71 0.35 -33.32
N SER B 412 31.95 0.15 -33.74
CA SER B 412 33.08 0.42 -32.85
C SER B 412 33.16 1.90 -32.50
N CYS B 413 33.00 2.78 -33.50
CA CYS B 413 33.03 4.22 -33.22
C CYS B 413 31.91 4.61 -32.28
N GLY B 414 30.70 4.10 -32.53
CA GLY B 414 29.59 4.42 -31.66
C GLY B 414 29.80 3.93 -30.24
N ALA B 415 30.30 2.71 -30.09
CA ALA B 415 30.55 2.15 -28.76
C ALA B 415 31.61 2.95 -28.03
N LEU B 416 32.69 3.33 -28.71
CA LEU B 416 33.72 4.13 -28.06
C LEU B 416 33.16 5.47 -27.61
N ILE B 417 32.39 6.13 -28.47
CA ILE B 417 31.83 7.43 -28.12
C ILE B 417 30.89 7.29 -26.92
N SER B 418 30.03 6.28 -26.93
CA SER B 418 29.09 6.09 -25.83
C SER B 418 29.80 5.77 -24.54
N PHE B 419 30.83 4.92 -24.59
CA PHE B 419 31.59 4.61 -23.39
C PHE B 419 32.28 5.85 -22.84
N MET B 420 32.83 6.67 -23.74
CA MET B 420 33.43 7.93 -23.32
C MET B 420 32.41 8.84 -22.65
N VAL B 421 31.20 8.92 -23.22
CA VAL B 421 30.16 9.77 -22.64
C VAL B 421 29.77 9.29 -21.26
N LEU B 422 29.56 7.99 -21.09
CA LEU B 422 29.16 7.49 -19.78
C LEU B 422 30.29 7.61 -18.77
N SER B 423 31.54 7.45 -19.22
CA SER B 423 32.66 7.66 -18.31
C SER B 423 32.71 9.10 -17.82
N ILE B 424 32.47 10.06 -18.72
CA ILE B 424 32.45 11.45 -18.31
C ILE B 424 31.29 11.71 -17.37
N LEU B 425 30.12 11.12 -17.64
CA LEU B 425 28.99 11.27 -16.73
C LEU B 425 29.31 10.70 -15.35
N PHE B 426 30.06 9.60 -15.31
CA PHE B 426 30.49 9.04 -14.03
C PHE B 426 31.43 9.98 -13.30
N VAL B 427 32.48 10.45 -13.98
CA VAL B 427 33.54 11.23 -13.33
C VAL B 427 33.21 12.71 -13.21
N THR B 428 32.03 13.13 -13.64
CA THR B 428 31.65 14.54 -13.58
C THR B 428 30.49 14.79 -12.64
N LYS B 429 29.39 14.04 -12.76
CA LYS B 429 28.19 14.26 -11.98
C LYS B 429 27.94 13.16 -10.97
N PHE B 430 29.00 12.56 -10.42
CA PHE B 430 28.86 11.40 -9.55
C PHE B 430 27.93 11.68 -8.38
N ASN B 431 27.86 12.94 -7.93
CA ASN B 431 26.98 13.30 -6.82
C ASN B 431 25.51 13.08 -7.16
N VAL B 432 25.17 12.93 -8.44
CA VAL B 432 23.82 12.58 -8.87
C VAL B 432 23.75 11.28 -9.65
N VAL B 433 24.90 10.62 -9.88
CA VAL B 433 24.93 9.32 -10.55
C VAL B 433 25.14 8.18 -9.57
N TRP B 434 25.48 8.45 -8.32
CA TRP B 434 25.58 7.38 -7.34
C TRP B 434 24.31 6.53 -7.20
N PRO B 435 23.09 7.00 -7.51
CA PRO B 435 21.96 6.07 -7.54
C PRO B 435 22.16 4.91 -8.51
N VAL B 436 22.80 5.12 -9.66
CA VAL B 436 23.12 3.99 -10.53
C VAL B 436 24.04 3.01 -9.80
N LEU B 437 25.08 3.53 -9.15
CA LEU B 437 26.04 2.66 -8.48
C LEU B 437 25.46 1.94 -7.28
N ILE B 438 24.34 2.40 -6.73
CA ILE B 438 23.67 1.65 -5.68
C ILE B 438 22.51 0.80 -6.20
N PHE B 439 22.03 1.05 -7.41
CA PHE B 439 20.89 0.33 -7.93
C PHE B 439 21.29 -0.84 -8.82
N MET B 440 22.19 -0.61 -9.79
CA MET B 440 22.65 -1.69 -10.67
C MET B 440 23.16 -2.91 -9.93
N PRO B 441 24.01 -2.79 -8.90
CA PRO B 441 24.34 -3.99 -8.13
C PRO B 441 23.11 -4.66 -7.53
N ILE B 442 22.20 -3.88 -6.94
CA ILE B 442 21.02 -4.47 -6.31
C ILE B 442 20.15 -5.17 -7.35
N VAL B 443 19.84 -4.47 -8.45
CA VAL B 443 18.92 -5.05 -9.41
C VAL B 443 19.55 -6.23 -10.14
N VAL B 444 20.84 -6.18 -10.45
CA VAL B 444 21.48 -7.30 -11.13
C VAL B 444 21.60 -8.49 -10.19
N LEU B 445 21.91 -8.26 -8.92
CA LEU B 445 21.92 -9.35 -7.95
C LEU B 445 20.53 -9.94 -7.78
N LEU B 446 19.49 -9.11 -7.83
CA LEU B 446 18.13 -9.62 -7.75
C LEU B 446 17.79 -10.47 -8.97
N PHE B 447 18.20 -10.02 -10.17
CA PHE B 447 17.99 -10.81 -11.36
C PHE B 447 18.69 -12.15 -11.25
N PHE B 448 19.94 -12.16 -10.76
CA PHE B 448 20.67 -13.40 -10.63
C PHE B 448 20.06 -14.30 -9.55
N ALA B 449 19.54 -13.72 -8.47
CA ALA B 449 18.86 -14.52 -7.46
C ALA B 449 17.63 -15.19 -8.03
N ILE B 450 16.86 -14.46 -8.83
CA ILE B 450 15.69 -15.05 -9.48
C ILE B 450 16.11 -16.16 -10.42
N LYS B 451 17.18 -15.93 -11.19
CA LYS B 451 17.63 -16.97 -12.12
C LYS B 451 18.08 -18.22 -11.39
N ASN B 452 18.82 -18.04 -10.29
CA ASN B 452 19.26 -19.19 -9.50
C ASN B 452 18.07 -19.93 -8.91
N HIS B 453 17.09 -19.20 -8.40
CA HIS B 453 15.91 -19.83 -7.83
C HIS B 453 15.14 -20.62 -8.87
N TYR B 454 14.98 -20.05 -10.07
CA TYR B 454 14.26 -20.77 -11.11
C TYR B 454 15.05 -21.97 -11.62
N THR B 455 16.37 -21.88 -11.68
CA THR B 455 17.15 -23.06 -12.06
C THR B 455 17.04 -24.15 -11.01
N ALA B 456 17.08 -23.79 -9.73
CA ALA B 456 16.93 -24.79 -8.68
C ALA B 456 15.54 -25.43 -8.74
N VAL B 457 14.51 -24.64 -8.98
CA VAL B 457 13.16 -25.17 -9.10
C VAL B 457 13.06 -26.11 -10.29
N GLY B 458 13.66 -25.73 -11.43
CA GLY B 458 13.67 -26.62 -12.58
C GLY B 458 14.37 -27.93 -12.28
N GLU B 459 15.51 -27.86 -11.58
CA GLU B 459 16.22 -29.07 -11.23
C GLU B 459 15.39 -29.97 -10.32
N GLN B 460 14.69 -29.38 -9.36
CA GLN B 460 13.90 -30.16 -8.40
C GLN B 460 12.51 -30.51 -8.92
N LEU B 461 12.14 -30.05 -10.12
CA LEU B 461 10.80 -30.31 -10.65
C LEU B 461 10.79 -31.05 -11.97
N ARG B 462 11.73 -30.78 -12.89
CA ARG B 462 11.72 -31.44 -14.18
C ARG B 462 11.81 -32.96 -14.02
N ILE B 463 12.50 -33.42 -12.98
CA ILE B 463 12.75 -34.85 -12.77
C ILE B 463 11.47 -35.47 -12.22
N VAL B 464 10.67 -36.08 -13.10
CA VAL B 464 9.51 -36.83 -12.65
C VAL B 464 9.99 -38.10 -11.93
N ASP B 465 9.40 -38.37 -10.78
CA ASP B 465 9.83 -39.48 -9.94
C ASP B 465 8.68 -40.48 -9.80
N LYS B 466 8.86 -41.44 -8.90
CA LYS B 466 7.81 -42.43 -8.64
C LYS B 466 6.53 -41.74 -8.18
N GLU B 467 5.41 -42.20 -8.70
CA GLU B 467 4.13 -41.61 -8.35
C GLU B 467 3.84 -41.83 -6.87
N PRO B 468 3.11 -40.92 -6.24
CA PRO B 468 2.75 -41.12 -4.82
C PRO B 468 1.81 -42.30 -4.66
N GLU B 469 1.61 -42.67 -3.39
CA GLU B 469 0.71 -43.77 -3.06
C GLU B 469 -0.72 -43.45 -3.49
N GLU B 470 -1.44 -44.49 -3.91
CA GLU B 470 -2.79 -44.33 -4.43
C GLU B 470 -3.74 -43.90 -3.33
N ILE B 471 -4.56 -42.88 -3.62
CA ILE B 471 -5.52 -42.36 -2.67
C ILE B 471 -6.80 -43.19 -2.77
N LYS B 472 -7.34 -43.59 -1.62
CA LYS B 472 -8.55 -44.41 -1.58
C LYS B 472 -9.79 -43.61 -1.17
N GLY B 473 -9.73 -42.29 -1.24
CA GLY B 473 -10.88 -41.47 -0.91
C GLY B 473 -10.50 -40.20 -0.19
N THR B 474 -11.46 -39.29 0.01
CA THR B 474 -11.18 -38.01 0.61
C THR B 474 -12.21 -37.67 1.68
N VAL B 475 -11.75 -36.99 2.72
CA VAL B 475 -12.62 -36.39 3.73
C VAL B 475 -12.64 -34.90 3.49
N VAL B 476 -13.83 -34.31 3.46
CA VAL B 476 -14.00 -32.89 3.16
C VAL B 476 -14.48 -32.21 4.43
N ILE B 477 -13.59 -31.48 5.08
CA ILE B 477 -13.99 -30.59 6.17
C ILE B 477 -14.64 -29.36 5.55
N VAL B 478 -15.86 -29.07 5.98
CA VAL B 478 -16.61 -27.94 5.45
C VAL B 478 -16.97 -27.02 6.60
N PRO B 479 -16.10 -26.10 7.00
CA PRO B 479 -16.39 -25.25 8.14
C PRO B 479 -17.64 -24.42 7.89
N VAL B 480 -18.41 -24.21 8.95
CA VAL B 480 -19.70 -23.53 8.86
C VAL B 480 -19.77 -22.46 9.94
N ALA B 481 -20.26 -21.27 9.55
CA ALA B 481 -20.50 -20.20 10.52
C ALA B 481 -21.93 -20.28 11.04
N GLY B 482 -22.89 -20.23 10.14
CA GLY B 482 -24.28 -20.47 10.49
C GLY B 482 -24.98 -21.08 9.30
N VAL B 483 -25.91 -21.99 9.57
CA VAL B 483 -26.58 -22.68 8.49
C VAL B 483 -27.34 -21.68 7.62
N THR B 484 -26.92 -21.58 6.37
CA THR B 484 -27.52 -20.66 5.41
C THR B 484 -27.66 -21.39 4.08
N THR B 485 -28.02 -20.65 3.03
CA THR B 485 -28.01 -21.25 1.71
C THR B 485 -26.58 -21.53 1.25
N VAL B 486 -25.63 -20.70 1.67
CA VAL B 486 -24.23 -20.92 1.30
C VAL B 486 -23.72 -22.22 1.88
N VAL B 487 -24.00 -22.46 3.16
CA VAL B 487 -23.59 -23.73 3.78
C VAL B 487 -24.29 -24.90 3.11
N GLN B 488 -25.58 -24.75 2.79
CA GLN B 488 -26.30 -25.83 2.14
C GLN B 488 -25.67 -26.17 0.80
N LYS B 489 -25.35 -25.14 0.00
CA LYS B 489 -24.74 -25.37 -1.30
C LYS B 489 -23.35 -26.01 -1.16
N SER B 490 -22.54 -25.50 -0.22
CA SER B 490 -21.20 -26.03 -0.07
C SER B 490 -21.23 -27.49 0.38
N ILE B 491 -22.13 -27.83 1.30
CA ILE B 491 -22.20 -29.20 1.76
C ILE B 491 -22.81 -30.11 0.69
N HIS B 492 -23.72 -29.59 -0.12
CA HIS B 492 -24.20 -30.37 -1.26
C HIS B 492 -23.05 -30.71 -2.20
N TYR B 493 -22.21 -29.73 -2.50
CA TYR B 493 -21.07 -29.98 -3.38
C TYR B 493 -20.07 -30.93 -2.72
N ALA B 494 -19.86 -30.79 -1.42
CA ALA B 494 -18.95 -31.69 -0.72
C ALA B 494 -19.45 -33.12 -0.76
N LYS B 495 -20.74 -33.33 -0.54
CA LYS B 495 -21.32 -34.66 -0.67
C LYS B 495 -21.18 -35.16 -2.10
N SER B 496 -21.26 -34.27 -3.08
CA SER B 496 -21.02 -34.66 -4.46
C SER B 496 -19.60 -35.17 -4.66
N LEU B 497 -18.62 -34.50 -4.07
CA LEU B 497 -17.23 -34.89 -4.28
C LEU B 497 -16.91 -36.23 -3.65
N SER B 498 -17.30 -36.40 -2.38
CA SER B 498 -16.95 -37.62 -1.65
C SER B 498 -17.83 -37.69 -0.41
N ASP B 499 -17.70 -38.78 0.32
CA ASP B 499 -18.40 -38.97 1.58
C ASP B 499 -17.52 -38.49 2.73
N GLN B 500 -17.92 -38.80 3.95
CA GLN B 500 -17.26 -38.31 5.17
C GLN B 500 -17.17 -36.80 5.16
N VAL B 501 -18.27 -36.15 4.78
CA VAL B 501 -18.36 -34.70 4.77
C VAL B 501 -18.44 -34.23 6.21
N ILE B 502 -17.31 -33.83 6.78
CA ILE B 502 -17.25 -33.43 8.18
C ILE B 502 -17.46 -31.92 8.24
N ALA B 503 -18.61 -31.49 8.74
CA ALA B 503 -18.82 -30.07 8.98
C ALA B 503 -18.31 -29.73 10.37
N VAL B 504 -17.72 -28.55 10.52
CA VAL B 504 -17.22 -28.11 11.81
C VAL B 504 -17.66 -26.69 12.06
N HIS B 505 -18.00 -26.41 13.32
CA HIS B 505 -18.41 -25.07 13.74
C HIS B 505 -17.63 -24.73 15.00
N VAL B 506 -16.77 -23.72 14.92
CA VAL B 506 -16.02 -23.29 16.09
C VAL B 506 -16.86 -22.27 16.84
N SER B 507 -17.70 -22.75 17.75
CA SER B 507 -18.60 -21.88 18.49
C SER B 507 -17.82 -21.05 19.50
N PHE B 508 -18.35 -19.86 19.79
CA PHE B 508 -17.80 -18.99 20.80
C PHE B 508 -18.67 -18.92 22.06
N ASP B 509 -19.78 -19.64 22.09
CA ASP B 509 -20.70 -19.63 23.21
C ASP B 509 -21.36 -21.00 23.32
N ARG B 510 -21.50 -21.49 24.55
CA ARG B 510 -22.03 -22.84 24.75
C ARG B 510 -23.51 -22.91 24.37
N GLU B 511 -24.32 -21.95 24.84
CA GLU B 511 -25.74 -21.97 24.52
C GLU B 511 -25.96 -21.74 23.02
N GLN B 512 -25.19 -20.84 22.42
CA GLN B 512 -25.27 -20.66 20.98
C GLN B 512 -24.85 -21.93 20.25
N GLU B 513 -23.86 -22.65 20.79
CA GLU B 513 -23.47 -23.93 20.22
C GLU B 513 -24.61 -24.92 20.24
N LYS B 514 -25.32 -25.01 21.37
CA LYS B 514 -26.45 -25.93 21.46
C LYS B 514 -27.56 -25.53 20.49
N LYS B 515 -27.84 -24.24 20.39
CA LYS B 515 -28.86 -23.78 19.45
C LYS B 515 -28.48 -24.11 18.00
N PHE B 516 -27.21 -23.90 17.65
CA PHE B 516 -26.77 -24.21 16.29
C PHE B 516 -26.85 -25.70 16.01
N GLU B 517 -26.47 -26.53 16.99
CA GLU B 517 -26.57 -27.98 16.79
C GLU B 517 -28.01 -28.41 16.63
N LYS B 518 -28.92 -27.81 17.40
CA LYS B 518 -30.34 -28.12 17.24
C LYS B 518 -30.84 -27.72 15.86
N ARG B 519 -30.45 -26.52 15.39
CA ARG B 519 -30.86 -26.10 14.06
C ARG B 519 -30.26 -26.98 12.97
N TRP B 520 -29.07 -27.53 13.22
CA TRP B 520 -28.48 -28.47 12.27
C TRP B 520 -29.26 -29.78 12.24
N GLU B 521 -29.61 -30.29 13.42
CA GLU B 521 -30.43 -31.50 13.47
C GLU B 521 -31.78 -31.26 12.80
N GLU B 522 -32.28 -30.03 12.83
CA GLU B 522 -33.47 -29.69 12.05
C GLU B 522 -33.17 -29.79 10.56
N LEU B 523 -31.97 -29.40 10.14
CA LEU B 523 -31.61 -29.48 8.73
C LEU B 523 -31.50 -30.94 8.29
N ASN B 524 -31.78 -31.16 7.00
CA ASN B 524 -31.91 -32.52 6.47
C ASN B 524 -30.61 -33.11 5.98
N ASN B 525 -29.52 -32.35 5.91
CA ASN B 525 -28.27 -32.88 5.41
C ASN B 525 -27.70 -33.91 6.37
N GLY B 526 -27.34 -35.08 5.84
CA GLY B 526 -26.80 -36.14 6.66
C GLY B 526 -25.29 -36.14 6.73
N VAL B 527 -24.73 -35.06 7.28
CA VAL B 527 -23.28 -34.92 7.45
C VAL B 527 -22.99 -34.71 8.93
N ARG B 528 -21.96 -35.38 9.43
CA ARG B 528 -21.62 -35.24 10.84
C ARG B 528 -21.02 -33.87 11.09
N LEU B 529 -21.49 -33.22 12.15
CA LEU B 529 -21.08 -31.87 12.50
C LEU B 529 -20.40 -31.90 13.87
N VAL B 530 -19.28 -31.20 13.98
CA VAL B 530 -18.50 -31.14 15.21
C VAL B 530 -18.49 -29.69 15.68
N THR B 531 -19.01 -29.46 16.87
CA THR B 531 -18.97 -28.13 17.50
C THR B 531 -17.76 -28.07 18.42
N LEU B 532 -16.79 -27.24 18.05
CA LEU B 532 -15.62 -27.04 18.89
C LEU B 532 -15.81 -25.76 19.69
N HIS B 533 -15.66 -25.84 21.01
CA HIS B 533 -15.81 -24.67 21.84
C HIS B 533 -14.48 -23.98 22.03
N SER B 534 -14.44 -22.69 21.72
CA SER B 534 -13.28 -21.85 21.95
C SER B 534 -13.58 -20.94 23.13
N SER B 535 -12.76 -21.03 24.18
CA SER B 535 -13.02 -20.25 25.39
C SER B 535 -12.99 -18.77 25.11
N TYR B 536 -12.00 -18.32 24.34
CA TYR B 536 -11.94 -16.94 23.87
C TYR B 536 -12.22 -16.91 22.37
N ARG B 537 -12.42 -15.70 21.86
CA ARG B 537 -12.88 -15.51 20.48
C ARG B 537 -11.72 -15.85 19.54
N SER B 538 -11.55 -17.14 19.30
CA SER B 538 -10.50 -17.63 18.42
C SER B 538 -11.11 -18.54 17.37
N LEU B 539 -10.37 -18.71 16.27
CA LEU B 539 -10.81 -19.54 15.16
C LEU B 539 -9.73 -20.46 14.62
N VAL B 540 -8.47 -20.25 14.98
CA VAL B 540 -7.38 -21.05 14.43
C VAL B 540 -7.04 -22.22 15.35
N HIS B 541 -6.77 -21.95 16.63
CA HIS B 541 -6.27 -23.00 17.51
C HIS B 541 -7.24 -24.16 17.68
N PRO B 542 -8.51 -23.98 18.01
CA PRO B 542 -9.42 -25.14 18.01
C PRO B 542 -9.46 -25.82 16.67
N PHE B 543 -9.48 -25.02 15.60
CA PHE B 543 -9.58 -25.58 14.27
C PHE B 543 -8.33 -26.37 13.90
N ASP B 544 -7.14 -25.87 14.25
CA ASP B 544 -5.95 -26.64 13.88
C ASP B 544 -5.76 -27.86 14.76
N LYS B 545 -6.24 -27.85 16.01
CA LYS B 545 -6.25 -29.07 16.80
C LYS B 545 -7.14 -30.13 16.15
N PHE B 546 -8.38 -29.74 15.81
CA PHE B 546 -9.25 -30.67 15.11
C PHE B 546 -8.63 -31.11 13.79
N LEU B 547 -7.93 -30.20 13.11
CA LEU B 547 -7.30 -30.53 11.84
C LEU B 547 -6.21 -31.58 12.03
N GLU B 548 -5.40 -31.43 13.06
CA GLU B 548 -4.37 -32.43 13.34
C GLU B 548 -5.00 -33.79 13.58
N THR B 549 -6.07 -33.82 14.39
CA THR B 549 -6.72 -35.10 14.69
C THR B 549 -7.29 -35.73 13.42
N VAL B 550 -7.99 -34.93 12.61
CA VAL B 550 -8.64 -35.48 11.43
C VAL B 550 -7.62 -35.87 10.37
N GLU B 551 -6.50 -35.15 10.27
CA GLU B 551 -5.47 -35.53 9.31
C GLU B 551 -4.79 -36.81 9.74
N ALA B 552 -4.54 -36.98 11.04
CA ALA B 552 -3.99 -38.25 11.50
C ALA B 552 -4.95 -39.40 11.22
N LYS B 553 -6.24 -39.20 11.48
CA LYS B 553 -7.22 -40.24 11.18
C LYS B 553 -7.27 -40.56 9.69
N ALA B 554 -7.24 -39.53 8.85
CA ALA B 554 -7.29 -39.74 7.41
C ALA B 554 -6.07 -40.49 6.91
N LYS B 555 -4.88 -40.11 7.42
CA LYS B 555 -3.66 -40.80 7.02
C LYS B 555 -3.70 -42.26 7.46
N LYS B 556 -4.19 -42.53 8.67
CA LYS B 556 -4.31 -43.91 9.13
C LYS B 556 -5.28 -44.69 8.24
N GLU B 557 -6.40 -44.08 7.88
CA GLU B 557 -7.33 -44.67 6.93
C GLU B 557 -6.93 -44.44 5.48
N GLN B 558 -5.83 -43.71 5.26
CA GLN B 558 -5.30 -43.40 3.93
C GLN B 558 -6.34 -42.62 3.10
N PHE B 559 -6.60 -41.41 3.57
CA PHE B 559 -7.49 -40.46 2.91
C PHE B 559 -6.76 -39.14 2.75
N SER B 560 -7.19 -38.34 1.77
CA SER B 560 -6.61 -37.03 1.51
C SER B 560 -7.55 -35.96 2.04
N VAL B 561 -7.04 -35.14 2.95
CA VAL B 561 -7.85 -34.11 3.61
C VAL B 561 -8.13 -32.98 2.63
N MET B 562 -9.37 -32.54 2.57
CA MET B 562 -9.76 -31.44 1.70
C MET B 562 -10.71 -30.53 2.47
N VAL B 563 -10.68 -29.24 2.14
CA VAL B 563 -11.47 -28.24 2.86
C VAL B 563 -12.23 -27.40 1.85
N LEU B 564 -13.44 -27.00 2.21
CA LEU B 564 -14.26 -26.14 1.38
C LEU B 564 -14.48 -24.81 2.08
N PHE B 565 -14.24 -23.72 1.34
CA PHE B 565 -14.39 -22.36 1.87
C PHE B 565 -15.21 -21.55 0.87
N PRO B 566 -16.52 -21.55 1.01
CA PRO B 566 -17.35 -20.82 0.05
C PRO B 566 -17.01 -19.34 0.02
N GLN B 567 -16.52 -18.86 -1.12
CA GLN B 567 -16.16 -17.46 -1.27
C GLN B 567 -17.41 -16.67 -1.63
N PHE B 568 -17.99 -15.99 -0.66
CA PHE B 568 -19.19 -15.18 -0.87
C PHE B 568 -18.80 -13.94 -1.66
N ILE B 569 -19.29 -13.83 -2.88
CA ILE B 569 -18.94 -12.75 -3.79
C ILE B 569 -20.17 -11.89 -4.02
N THR B 570 -20.04 -10.58 -3.77
CA THR B 570 -21.12 -9.63 -4.01
C THR B 570 -20.62 -8.55 -4.96
N LYS B 571 -21.45 -8.23 -5.95
CA LYS B 571 -21.06 -7.31 -7.04
C LYS B 571 -21.10 -5.88 -6.53
N LYS B 572 -20.17 -5.57 -5.63
CA LYS B 572 -20.07 -4.21 -5.11
C LYS B 572 -18.63 -3.70 -4.97
N ARG B 573 -17.62 -4.57 -5.08
CA ARG B 573 -16.20 -4.24 -5.13
C ARG B 573 -15.65 -3.67 -3.82
N TRP B 574 -16.49 -3.43 -2.82
CA TRP B 574 -16.02 -3.06 -1.50
C TRP B 574 -16.58 -3.94 -0.41
N HIS B 575 -17.40 -4.94 -0.75
CA HIS B 575 -17.85 -5.91 0.23
C HIS B 575 -16.84 -7.01 0.50
N THR B 576 -15.76 -7.07 -0.28
CA THR B 576 -14.75 -8.10 -0.07
C THR B 576 -14.09 -7.97 1.30
N ILE B 577 -14.03 -6.75 1.83
CA ILE B 577 -13.53 -6.58 3.19
C ILE B 577 -14.52 -7.14 4.19
N LEU B 578 -15.82 -7.01 3.93
CA LEU B 578 -16.83 -7.51 4.85
C LEU B 578 -16.92 -9.02 4.80
N HIS B 579 -17.28 -9.56 3.65
CA HIS B 579 -17.63 -10.97 3.52
C HIS B 579 -16.38 -11.83 3.33
N ASN B 580 -16.52 -13.10 3.69
CA ASN B 580 -15.52 -14.15 3.49
C ASN B 580 -14.10 -13.70 3.81
N GLN B 581 -13.94 -12.79 4.76
CA GLN B 581 -12.63 -12.39 5.23
C GLN B 581 -12.17 -13.20 6.42
N SER B 582 -13.03 -14.08 6.95
CA SER B 582 -12.63 -15.02 7.98
C SER B 582 -12.14 -16.35 7.40
N ALA B 583 -12.22 -16.53 6.09
CA ALA B 583 -11.71 -17.73 5.44
C ALA B 583 -10.30 -17.55 4.95
N PHE B 584 -9.96 -16.37 4.43
CA PHE B 584 -8.57 -16.08 4.09
C PHE B 584 -7.69 -16.26 5.30
N LEU B 585 -8.20 -15.95 6.50
CA LEU B 585 -7.50 -16.26 7.73
C LEU B 585 -7.15 -17.74 7.80
N LEU B 586 -8.13 -18.61 7.60
CA LEU B 586 -7.87 -20.04 7.73
C LEU B 586 -6.89 -20.52 6.68
N ARG B 587 -7.06 -20.08 5.42
CA ARG B 587 -6.18 -20.52 4.36
C ARG B 587 -4.74 -20.10 4.63
N VAL B 588 -4.54 -18.84 5.03
CA VAL B 588 -3.18 -18.36 5.26
C VAL B 588 -2.58 -19.00 6.51
N ARG B 589 -3.40 -19.28 7.52
CA ARG B 589 -2.84 -19.67 8.80
C ARG B 589 -2.63 -21.17 8.95
N LEU B 590 -3.63 -21.99 8.64
CA LEU B 590 -3.52 -23.41 8.93
C LEU B 590 -3.90 -24.32 7.78
N PHE B 591 -3.96 -23.81 6.55
CA PHE B 591 -4.33 -24.66 5.42
C PHE B 591 -3.40 -24.51 4.23
N TRP B 592 -2.39 -23.65 4.31
CA TRP B 592 -1.30 -23.63 3.35
C TRP B 592 0.01 -24.04 3.99
N LYS B 593 -0.06 -24.69 5.15
CA LYS B 593 1.10 -25.26 5.82
C LYS B 593 0.92 -26.74 6.13
N LYS B 594 -0.17 -27.35 5.65
CA LYS B 594 -0.52 -28.71 6.00
C LYS B 594 -0.63 -29.64 4.80
N ASP B 595 -0.39 -29.15 3.59
CA ASP B 595 -0.57 -29.94 2.36
C ASP B 595 -1.99 -30.49 2.28
N ILE B 596 -2.96 -29.57 2.38
CA ILE B 596 -4.37 -29.91 2.40
C ILE B 596 -5.08 -29.13 1.32
N MET B 597 -5.79 -29.83 0.43
CA MET B 597 -6.54 -29.17 -0.62
C MET B 597 -7.57 -28.23 -0.02
N VAL B 598 -7.64 -27.01 -0.54
CA VAL B 598 -8.50 -25.95 0.02
C VAL B 598 -9.32 -25.39 -1.13
N ALA B 599 -10.50 -25.97 -1.35
CA ALA B 599 -11.34 -25.55 -2.46
C ALA B 599 -12.28 -24.44 -2.04
N THR B 600 -12.53 -23.52 -2.96
CA THR B 600 -13.38 -22.36 -2.71
C THR B 600 -14.56 -22.40 -3.66
N LEU B 601 -15.77 -22.28 -3.13
CA LEU B 601 -16.98 -22.31 -3.94
C LEU B 601 -17.47 -20.88 -4.15
N PRO B 602 -17.42 -20.35 -5.36
CA PRO B 602 -17.86 -18.97 -5.56
C PRO B 602 -19.38 -18.82 -5.50
N TYR B 603 -19.92 -18.71 -4.29
CA TYR B 603 -21.33 -18.41 -4.10
C TYR B 603 -21.57 -16.94 -4.43
N HIS B 604 -22.22 -16.68 -5.56
CA HIS B 604 -22.53 -15.31 -5.93
C HIS B 604 -23.74 -14.81 -5.14
N PHE B 605 -23.84 -13.49 -5.05
CA PHE B 605 -24.91 -12.85 -4.30
C PHE B 605 -25.83 -12.08 -5.24
N LYS B 606 -27.12 -12.10 -4.94
CA LYS B 606 -28.11 -11.41 -5.76
C LYS B 606 -29.22 -10.82 -4.90
P 2BA C . 1.66 -25.71 -12.33
O1P 2BA C . 1.38 -26.76 -11.29
O2P 2BA C . 2.26 -25.86 -13.68
O5' 2BA C . 2.54 -24.51 -11.56
C5' 2BA C . 3.18 -24.76 -10.39
C4' 2BA C . 4.09 -23.56 -10.09
O4' 2BA C . 5.40 -24.08 -9.93
C3' 2BA C . 4.17 -22.57 -11.27
O3' 2BA C . 3.29 -21.55 -11.12
C2' 2BA C . 5.60 -22.03 -11.11
O2' 2BA C . 5.59 -21.05 -10.15
C1' 2BA C . 6.33 -23.27 -10.57
N9 2BA C . 6.85 -24.02 -11.71
C8 2BA C . 6.23 -25.06 -12.43
N7 2BA C . 7.00 -25.52 -13.44
C5 2BA C . 8.14 -24.72 -13.38
C6 2BA C . 9.31 -24.70 -14.16
N6 2BA C . 9.46 -25.57 -15.20
N1 2BA C . 10.31 -23.80 -13.89
C2 2BA C . 10.08 -22.96 -12.82
N3 2BA C . 9.03 -22.87 -12.00
C4 2BA C . 8.06 -23.79 -12.32
P1 2BA C . 2.85 -20.54 -12.38
O1P1 2BA C . 2.52 -19.24 -11.73
O2P1 2BA C . 3.75 -20.79 -13.53
O5'1 2BA C . 1.39 -21.28 -12.76
C5'1 2BA C . 0.69 -21.90 -11.77
C4'1 2BA C . -0.46 -22.67 -12.42
O4'1 2BA C . -1.11 -21.80 -13.34
C3'1 2BA C . 0.05 -23.84 -13.27
O3'1 2BA C . 0.20 -24.92 -12.49
C2'1 2BA C . -1.16 -24.01 -14.19
O2'1 2BA C . -2.16 -24.62 -13.48
C1'1 2BA C . -1.54 -22.54 -14.44
N91 2BA C . -0.77 -22.05 -15.58
C81 2BA C . 0.31 -21.17 -15.58
N71 2BA C . 0.78 -20.95 -16.83
C51 2BA C . -0.02 -21.73 -17.64
C61 2BA C . -0.03 -21.93 -19.02
N61 2BA C . 0.88 -21.29 -19.81
N11 2BA C . -0.94 -22.76 -19.60
C21 2BA C . -1.82 -23.37 -18.75
N31 2BA C . -1.93 -23.28 -17.42
C41 2BA C . -0.99 -22.43 -16.89
P 2BA D . -19.77 -19.89 5.39
O1P 2BA D . -20.17 -20.53 4.10
O2P 2BA D . -20.46 -19.95 6.71
O5' 2BA D . -19.54 -18.27 5.05
C5' 2BA D . -20.06 -17.70 3.93
C4' 2BA D . -19.88 -16.19 4.04
O4' 2BA D . -21.19 -15.63 3.89
C3' 2BA D . -19.40 -15.75 5.44
O3' 2BA D . -18.06 -15.60 5.46
C2' 2BA D . -20.06 -14.38 5.58
O2' 2BA D . -19.29 -13.45 4.90
C1' 2BA D . -21.38 -14.60 4.82
N9 2BA D . -22.37 -15.08 5.77
C8 2BA D . -22.70 -16.40 6.12
N7 2BA D . -23.66 -16.45 7.06
C5 2BA D . -23.97 -15.11 7.32
C6 2BA D . -24.89 -14.51 8.19
N6 2BA D . -25.69 -15.29 8.98
N1 2BA D . -24.99 -13.15 8.26
C2 2BA D . -24.15 -12.44 7.44
N3 2BA D . -23.23 -12.88 6.56
C4 2BA D . -23.17 -14.24 6.53
P1 2BA D . -17.18 -15.52 6.90
O1P1 2BA D . -16.00 -14.67 6.57
O2P1 2BA D . -18.12 -15.38 8.03
O5'1 2BA D . -16.64 -17.10 6.92
C5'1 2BA D . -16.44 -17.76 5.73
C4'1 2BA D . -16.18 -19.23 6.05
O4'1 2BA D . -15.22 -19.30 7.09
C3'1 2BA D . -17.43 -19.92 6.61
O3'1 2BA D . -18.19 -20.36 5.60
C2'1 2BA D . -16.76 -21.09 7.33
O2'1 2BA D . -16.36 -22.00 6.38
C1'1 2BA D . -15.51 -20.39 7.91
N91 2BA D . -15.86 -19.84 9.20
C81 2BA D . -16.06 -18.49 9.55
N71 2BA D . -16.39 -18.33 10.85
C51 2BA D . -16.41 -19.64 11.35
C61 2BA D . -16.68 -20.14 12.62
N61 2BA D . -17.00 -19.28 13.63
N11 2BA D . -16.64 -21.48 12.86
C21 2BA D . -16.32 -22.27 11.80
N31 2BA D . -16.03 -21.93 10.53
C41 2BA D . -16.09 -20.57 10.34
#